data_3NC6
#
_entry.id   3NC6
#
_cell.length_a   64.950
_cell.length_b   106.900
_cell.length_c   142.930
_cell.angle_alpha   90.00
_cell.angle_beta   90.00
_cell.angle_gamma   90.00
#
_symmetry.space_group_name_H-M   'P 21 21 21'
#
loop_
_entity.id
_entity.type
_entity.pdbx_description
1 polymer 'Cytochrome P450 cypX'
2 non-polymer 'PROTOPORPHYRIN IX CONTAINING FE'
3 non-polymer 1-phenyl-1H-imidazole
4 non-polymer 'MAGNESIUM ION'
5 water water
#
_entity_poly.entity_id   1
_entity_poly.type   'polypeptide(L)'
_entity_poly.pdbx_seq_one_letter_code
;MGSSHHHHHHSSGLVPRGSHMASMTGGQQMGRGSEFMSQSIKLFSVLSDQFQNNPYAYFSQLREEDPVHYEESIDSYFIS
RYHDVRYILQHPDIFTTKSLVERAEPVMRGPVLAQMHGKEHSAKRRIVVRSFIGDALDHLSPLIKQNAENLLAPYLERGK
SDLVNDFGKTFAVCVTMDMLGLDKRDHEKISEWHSGVADFITSISQSPEARAHSLWCSEQLSQYLMPVIKERRVNPGSDL
ISILCTSEYEGMALSDKDILALILNVLLAATEPADKTLALMIYHLLNNPEQMNDVLADRSLVPRAIAETLRYKPPVQLIP
RQLSQDTVVGGMEIKKDTIVFCMIGAANRDPEAFEQPDVFNIHREDLGIKSAFSGAARHLAFGSGIHNCVGTAFAKNEIE
IVANIVLDKMRNIRLEEDFCYAESGLYTRGPVSLLVAFDGA
;
_entity_poly.pdbx_strand_id   A,B
#
# COMPACT_ATOMS: atom_id res chain seq x y z
N ILE A 41 16.00 25.90 -10.44
CA ILE A 41 14.76 26.62 -10.02
C ILE A 41 13.57 26.19 -10.85
N LYS A 42 12.40 26.03 -10.22
CA LYS A 42 11.17 25.77 -10.98
C LYS A 42 10.89 27.07 -11.75
N LEU A 43 11.43 27.10 -12.97
CA LEU A 43 11.07 27.98 -14.08
C LEU A 43 10.78 26.97 -15.17
N PHE A 44 11.28 25.76 -14.91
CA PHE A 44 11.04 24.56 -15.69
C PHE A 44 9.57 24.38 -16.13
N SER A 45 9.36 23.90 -17.35
CA SER A 45 8.01 23.82 -17.93
C SER A 45 7.39 22.43 -17.83
N VAL A 46 6.17 22.36 -17.34
CA VAL A 46 5.42 21.09 -17.26
C VAL A 46 4.80 20.70 -18.61
N LEU A 47 5.33 21.25 -19.70
CA LEU A 47 4.89 20.93 -21.06
C LEU A 47 6.07 20.44 -21.88
N SER A 48 7.21 20.27 -21.23
CA SER A 48 8.46 19.93 -21.92
C SER A 48 8.58 18.43 -22.18
N ASP A 49 9.33 18.07 -23.23
CA ASP A 49 9.61 16.65 -23.51
C ASP A 49 10.18 16.02 -22.25
N GLN A 50 11.09 16.78 -21.62
CA GLN A 50 11.74 16.44 -20.36
C GLN A 50 10.74 15.95 -19.27
N PHE A 51 9.60 16.65 -19.15
CA PHE A 51 8.60 16.32 -18.15
C PHE A 51 7.75 15.13 -18.59
N GLN A 52 7.41 15.08 -19.86
CA GLN A 52 6.57 13.99 -20.35
C GLN A 52 7.24 12.62 -20.35
N ASN A 53 8.57 12.59 -20.31
CA ASN A 53 9.22 11.31 -20.14
C ASN A 53 8.91 10.69 -18.78
N ASN A 54 8.64 11.51 -17.76
CA ASN A 54 8.33 11.00 -16.41
C ASN A 54 7.83 12.07 -15.42
N PRO A 55 6.51 12.35 -15.44
CA PRO A 55 5.89 13.34 -14.56
C PRO A 55 6.15 13.11 -13.08
N TYR A 56 6.31 11.86 -12.69
CA TYR A 56 6.42 11.52 -11.28
C TYR A 56 7.76 11.91 -10.65
N ALA A 57 8.78 12.09 -11.50
CA ALA A 57 10.12 12.50 -11.05
C ALA A 57 10.20 13.98 -10.65
N TYR A 58 9.16 14.75 -10.94
CA TYR A 58 9.19 16.20 -10.77
C TYR A 58 8.07 16.71 -9.88
N PHE A 59 7.17 15.84 -9.42
CA PHE A 59 6.03 16.30 -8.61
C PHE A 59 6.46 16.89 -7.28
N SER A 60 7.39 16.21 -6.58
CA SER A 60 7.86 16.71 -5.28
C SER A 60 8.44 18.10 -5.43
N GLN A 61 9.43 18.21 -6.31
CA GLN A 61 10.03 19.48 -6.69
C GLN A 61 8.97 20.57 -6.75
N LEU A 62 7.87 20.28 -7.46
CA LEU A 62 6.79 21.23 -7.67
C LEU A 62 5.99 21.61 -6.42
N ARG A 63 5.21 20.68 -5.88
CA ARG A 63 4.35 20.92 -4.70
C ARG A 63 5.12 21.44 -3.46
N GLU A 64 6.46 21.36 -3.50
CA GLU A 64 7.26 21.83 -2.39
C GLU A 64 7.90 23.20 -2.65
N GLU A 65 8.27 23.48 -3.90
CA GLU A 65 8.90 24.78 -4.24
C GLU A 65 8.19 25.74 -5.21
N ASP A 66 7.37 25.20 -6.13
CA ASP A 66 6.48 26.05 -6.91
C ASP A 66 5.08 25.45 -6.99
N PRO A 67 4.35 25.45 -5.86
CA PRO A 67 3.05 24.77 -5.71
C PRO A 67 1.88 25.37 -6.52
N VAL A 68 2.05 26.59 -7.01
CA VAL A 68 1.17 27.22 -7.98
C VAL A 68 2.06 27.60 -9.17
N HIS A 69 2.33 26.60 -10.01
CA HIS A 69 3.28 26.76 -11.10
C HIS A 69 2.66 27.43 -12.33
N TYR A 70 3.14 28.64 -12.64
CA TYR A 70 2.69 29.40 -13.80
C TYR A 70 3.30 28.89 -15.11
N GLU A 71 2.53 28.91 -16.20
CA GLU A 71 3.07 28.55 -17.51
C GLU A 71 3.20 29.71 -18.50
N GLU A 72 4.17 29.60 -19.39
CA GLU A 72 4.54 30.73 -20.25
C GLU A 72 3.66 30.80 -21.50
N SER A 73 3.56 29.68 -22.22
CA SER A 73 2.87 29.62 -23.51
C SER A 73 1.36 29.68 -23.38
N ILE A 74 0.82 28.87 -22.49
CA ILE A 74 -0.56 29.03 -22.04
C ILE A 74 -0.58 29.97 -20.82
N ASP A 75 -1.57 30.84 -20.74
CA ASP A 75 -1.64 31.79 -19.60
C ASP A 75 -2.37 31.21 -18.36
N SER A 76 -1.82 30.11 -17.85
CA SER A 76 -2.49 29.31 -16.84
C SER A 76 -1.53 28.79 -15.78
N TYR A 77 -2.09 28.54 -14.61
CA TYR A 77 -1.32 28.14 -13.43
C TYR A 77 -1.58 26.67 -13.12
N PHE A 78 -0.51 25.95 -12.72
CA PHE A 78 -0.54 24.49 -12.47
C PHE A 78 -0.44 24.14 -11.01
N ILE A 79 -1.52 23.61 -10.46
CA ILE A 79 -1.60 23.45 -9.02
C ILE A 79 -1.21 22.08 -8.47
N SER A 80 -0.13 22.12 -7.70
CA SER A 80 0.62 20.96 -7.33
C SER A 80 0.13 20.27 -6.06
N ARG A 81 -0.14 21.03 -5.00
CA ARG A 81 -0.46 20.47 -3.67
C ARG A 81 -1.79 19.75 -3.63
N TYR A 82 -1.93 18.77 -2.74
CA TYR A 82 -3.18 18.05 -2.58
C TYR A 82 -4.32 18.97 -2.10
N HIS A 83 -4.18 19.51 -0.89
CA HIS A 83 -5.27 20.26 -0.24
C HIS A 83 -5.74 21.50 -0.99
N ASP A 84 -4.89 22.03 -1.87
CA ASP A 84 -5.26 23.10 -2.80
C ASP A 84 -6.18 22.53 -3.85
N VAL A 85 -5.63 21.58 -4.61
CA VAL A 85 -6.38 20.85 -5.62
C VAL A 85 -7.76 20.43 -5.10
N ARG A 86 -7.81 19.73 -3.97
CA ARG A 86 -9.10 19.31 -3.38
C ARG A 86 -10.09 20.47 -3.14
N TYR A 87 -9.60 21.61 -2.66
CA TYR A 87 -10.44 22.80 -2.43
C TYR A 87 -10.98 23.37 -3.74
N ILE A 88 -10.15 23.31 -4.78
CA ILE A 88 -10.54 23.79 -6.09
C ILE A 88 -11.74 23.00 -6.60
N LEU A 89 -11.62 21.68 -6.66
CA LEU A 89 -12.72 20.81 -7.13
C LEU A 89 -13.96 20.92 -6.26
N GLN A 90 -13.79 21.21 -4.97
CA GLN A 90 -14.89 21.31 -4.01
C GLN A 90 -15.70 22.60 -4.13
N HIS A 91 -15.26 23.54 -4.97
CA HIS A 91 -15.91 24.86 -5.01
C HIS A 91 -16.10 25.39 -6.44
N PRO A 92 -17.13 24.87 -7.15
CA PRO A 92 -17.36 25.23 -8.56
C PRO A 92 -18.12 26.56 -8.81
N ASP A 93 -18.73 27.14 -7.78
CA ASP A 93 -19.28 28.50 -7.89
C ASP A 93 -18.14 29.51 -8.19
N ILE A 94 -17.02 29.30 -7.51
CA ILE A 94 -15.82 30.13 -7.63
C ILE A 94 -14.92 29.64 -8.78
N PHE A 95 -14.85 28.33 -8.94
CA PHE A 95 -14.02 27.72 -9.96
C PHE A 95 -14.85 26.92 -10.97
N THR A 96 -15.44 27.64 -11.93
CA THR A 96 -16.26 27.08 -13.01
C THR A 96 -15.45 26.14 -13.87
N THR A 97 -16.17 25.31 -14.63
CA THR A 97 -15.57 24.41 -15.62
C THR A 97 -16.45 24.31 -16.86
N LYS A 98 -15.88 23.78 -17.94
CA LYS A 98 -16.73 23.39 -19.06
C LYS A 98 -16.69 21.89 -19.38
N SER A 99 -17.66 21.44 -20.17
CA SER A 99 -17.74 20.06 -20.64
C SER A 99 -16.80 19.84 -21.83
N LEU A 100 -16.38 18.60 -22.01
CA LEU A 100 -15.43 18.23 -23.06
C LEU A 100 -15.93 18.41 -24.52
N VAL A 101 -17.12 18.97 -24.73
CA VAL A 101 -17.37 19.53 -26.06
C VAL A 101 -16.49 20.78 -26.21
N GLU A 102 -15.92 20.95 -27.40
CA GLU A 102 -15.07 22.11 -27.69
C GLU A 102 -15.23 22.75 -29.07
N ARG A 103 -14.76 22.11 -30.12
CA ARG A 103 -14.96 22.74 -31.45
C ARG A 103 -15.64 21.78 -32.44
N ALA A 104 -16.93 21.59 -32.20
CA ALA A 104 -17.74 20.50 -32.74
C ALA A 104 -17.44 19.18 -32.01
N ALA A 123 -29.71 23.78 -13.45
CA ALA A 123 -28.80 23.83 -14.59
C ALA A 123 -28.13 22.48 -14.88
N LYS A 124 -28.20 21.55 -13.93
CA LYS A 124 -27.46 20.27 -14.01
C LYS A 124 -28.32 19.05 -14.36
N ARG A 125 -27.84 18.31 -15.36
CA ARG A 125 -28.59 17.24 -16.00
C ARG A 125 -27.93 15.91 -15.71
N ARG A 126 -26.82 15.97 -15.00
CA ARG A 126 -26.05 14.79 -14.60
C ARG A 126 -26.91 13.82 -13.80
N ILE A 127 -27.86 14.38 -13.06
CA ILE A 127 -28.76 13.61 -12.22
C ILE A 127 -29.40 12.46 -13.00
N VAL A 128 -30.07 12.79 -14.11
CA VAL A 128 -30.70 11.78 -14.97
C VAL A 128 -29.65 10.86 -15.65
N VAL A 129 -28.49 11.43 -15.97
CA VAL A 129 -27.40 10.65 -16.55
C VAL A 129 -26.94 9.57 -15.55
N ARG A 130 -26.67 10.00 -14.32
CA ARG A 130 -26.24 9.14 -13.21
C ARG A 130 -27.28 8.06 -12.88
N SER A 131 -28.55 8.45 -12.90
CA SER A 131 -29.65 7.51 -12.64
C SER A 131 -29.92 6.60 -13.83
N PHE A 132 -29.34 6.93 -14.99
CA PHE A 132 -29.29 5.98 -16.09
C PHE A 132 -28.20 4.95 -15.81
N ILE A 133 -26.98 5.44 -15.63
CA ILE A 133 -25.82 4.59 -15.35
C ILE A 133 -26.02 3.66 -14.13
N GLY A 134 -26.86 4.08 -13.17
CA GLY A 134 -27.20 3.27 -12.00
C GLY A 134 -28.18 2.14 -12.31
N ASP A 135 -29.18 2.43 -13.14
CA ASP A 135 -30.18 1.45 -13.59
C ASP A 135 -29.62 0.55 -14.66
N ALA A 136 -28.85 1.15 -15.57
CA ALA A 136 -28.26 0.46 -16.71
C ALA A 136 -27.19 -0.54 -16.29
N LEU A 137 -26.43 -0.20 -15.25
CA LEU A 137 -25.27 -0.96 -14.81
C LEU A 137 -25.53 -2.46 -14.68
N ASP A 138 -26.72 -2.82 -14.23
CA ASP A 138 -27.18 -4.21 -14.19
C ASP A 138 -27.28 -4.82 -15.59
N HIS A 139 -28.06 -4.17 -16.45
CA HIS A 139 -28.31 -4.69 -17.79
CA HIS A 139 -28.33 -4.59 -17.85
C HIS A 139 -27.06 -4.79 -18.68
N LEU A 140 -26.00 -4.04 -18.34
CA LEU A 140 -24.76 -4.04 -19.13
C LEU A 140 -23.71 -5.07 -18.74
N SER A 141 -23.88 -5.71 -17.59
CA SER A 141 -22.86 -6.61 -17.07
C SER A 141 -22.58 -7.83 -17.93
N PRO A 142 -23.65 -8.50 -18.45
CA PRO A 142 -23.33 -9.59 -19.38
C PRO A 142 -22.76 -9.05 -20.71
N LEU A 143 -23.13 -7.83 -21.10
CA LEU A 143 -22.57 -7.26 -22.32
C LEU A 143 -21.09 -6.93 -22.17
N ILE A 144 -20.73 -6.34 -21.03
CA ILE A 144 -19.35 -6.00 -20.78
C ILE A 144 -18.59 -7.30 -20.71
N LYS A 145 -19.21 -8.33 -20.15
CA LYS A 145 -18.59 -9.63 -19.98
C LYS A 145 -18.30 -10.30 -21.34
N GLN A 146 -19.32 -10.32 -22.22
CA GLN A 146 -19.20 -10.83 -23.58
C GLN A 146 -18.15 -10.05 -24.38
N ASN A 147 -18.17 -8.74 -24.26
CA ASN A 147 -17.21 -7.95 -24.97
C ASN A 147 -15.79 -8.39 -24.67
N ALA A 148 -15.49 -8.60 -23.40
CA ALA A 148 -14.14 -9.02 -23.02
C ALA A 148 -13.87 -10.40 -23.56
N GLU A 149 -14.78 -11.34 -23.34
CA GLU A 149 -14.50 -12.70 -23.71
C GLU A 149 -14.24 -12.74 -25.21
N ASN A 150 -15.11 -12.08 -25.98
CA ASN A 150 -15.03 -12.07 -27.43
C ASN A 150 -13.71 -11.49 -27.88
N LEU A 151 -13.35 -10.34 -27.32
CA LEU A 151 -12.18 -9.66 -27.81
C LEU A 151 -10.89 -10.39 -27.51
N LEU A 152 -10.89 -11.25 -26.49
CA LEU A 152 -9.70 -12.01 -26.15
C LEU A 152 -9.63 -13.27 -26.98
N ALA A 153 -10.76 -13.68 -27.53
CA ALA A 153 -10.83 -15.01 -28.15
C ALA A 153 -9.73 -15.29 -29.17
N PRO A 154 -9.43 -14.33 -30.07
CA PRO A 154 -8.40 -14.55 -31.10
C PRO A 154 -6.97 -14.69 -30.56
N TYR A 155 -6.73 -14.17 -29.35
CA TYR A 155 -5.39 -14.14 -28.79
C TYR A 155 -4.98 -15.35 -27.91
N LEU A 156 -5.92 -16.22 -27.58
CA LEU A 156 -5.62 -17.31 -26.66
C LEU A 156 -4.72 -18.41 -27.22
N GLU A 157 -4.81 -18.72 -28.52
CA GLU A 157 -4.02 -19.81 -29.13
C GLU A 157 -2.52 -19.52 -28.98
N ARG A 158 -2.13 -18.30 -29.35
CA ARG A 158 -0.71 -17.88 -29.40
C ARG A 158 -0.05 -17.77 -28.04
N GLY A 159 -0.87 -17.52 -27.01
CA GLY A 159 -0.44 -17.34 -25.63
C GLY A 159 0.31 -16.05 -25.45
N LYS A 160 -0.06 -15.04 -26.25
CA LYS A 160 0.64 -13.73 -26.34
C LYS A 160 -0.33 -12.61 -26.79
N SER A 161 -0.12 -11.39 -26.27
CA SER A 161 -1.06 -10.29 -26.50
C SER A 161 -0.56 -8.90 -26.09
N ASP A 162 -1.07 -7.86 -26.75
CA ASP A 162 -0.84 -6.47 -26.31
C ASP A 162 -2.13 -5.87 -25.75
N LEU A 163 -2.21 -5.79 -24.42
CA LEU A 163 -3.45 -5.36 -23.77
C LEU A 163 -3.89 -3.94 -24.11
N VAL A 164 -2.95 -3.09 -24.48
CA VAL A 164 -3.25 -1.72 -24.82
C VAL A 164 -3.76 -1.60 -26.25
N ASN A 165 -3.04 -2.24 -27.17
CA ASN A 165 -3.25 -2.05 -28.62
C ASN A 165 -4.01 -3.14 -29.33
N ASP A 166 -3.96 -4.35 -28.81
CA ASP A 166 -4.76 -5.41 -29.35
C ASP A 166 -6.10 -5.49 -28.70
N PHE A 167 -6.23 -5.10 -27.46
CA PHE A 167 -7.44 -5.47 -26.76
C PHE A 167 -8.14 -4.32 -26.06
N GLY A 168 -7.35 -3.47 -25.39
CA GLY A 168 -7.84 -2.40 -24.56
C GLY A 168 -8.74 -1.42 -25.27
N LYS A 169 -8.17 -0.61 -26.16
CA LYS A 169 -8.97 0.37 -26.88
C LYS A 169 -10.28 -0.22 -27.45
N THR A 170 -10.18 -1.35 -28.15
CA THR A 170 -11.33 -1.97 -28.75
C THR A 170 -12.41 -2.27 -27.70
N PHE A 171 -11.97 -2.75 -26.54
CA PHE A 171 -12.88 -3.11 -25.43
C PHE A 171 -13.63 -1.92 -24.87
N ALA A 172 -12.87 -0.90 -24.45
CA ALA A 172 -13.47 0.32 -23.95
C ALA A 172 -14.54 0.80 -24.93
N VAL A 173 -14.19 0.94 -26.21
CA VAL A 173 -15.17 1.34 -27.24
C VAL A 173 -16.49 0.54 -27.20
N CYS A 174 -16.40 -0.77 -27.33
CA CYS A 174 -17.57 -1.58 -27.39
C CYS A 174 -18.46 -1.40 -26.16
N VAL A 175 -17.84 -1.09 -25.01
CA VAL A 175 -18.61 -0.89 -23.79
C VAL A 175 -19.44 0.39 -23.91
N THR A 176 -18.78 1.50 -24.24
CA THR A 176 -19.45 2.79 -24.50
C THR A 176 -20.54 2.63 -25.57
N MET A 177 -20.28 1.78 -26.56
CA MET A 177 -21.25 1.55 -27.62
C MET A 177 -22.51 0.87 -27.11
N ASP A 178 -22.34 -0.13 -26.24
CA ASP A 178 -23.47 -0.76 -25.57
C ASP A 178 -24.22 0.22 -24.70
N MET A 179 -23.48 1.16 -24.10
CA MET A 179 -24.07 2.17 -23.26
C MET A 179 -25.00 2.97 -24.14
N LEU A 180 -24.48 3.41 -25.28
CA LEU A 180 -25.26 4.22 -26.22
C LEU A 180 -26.17 3.41 -27.19
N GLY A 181 -26.14 2.08 -27.06
CA GLY A 181 -26.94 1.18 -27.88
C GLY A 181 -26.61 1.20 -29.37
N LEU A 182 -25.39 1.57 -29.73
CA LEU A 182 -24.95 1.54 -31.12
C LEU A 182 -24.57 0.13 -31.61
N ASP A 183 -24.29 0.00 -32.90
CA ASP A 183 -23.92 -1.27 -33.53
C ASP A 183 -22.43 -1.52 -33.40
N LYS A 184 -22.07 -2.65 -32.80
CA LYS A 184 -20.66 -2.98 -32.53
C LYS A 184 -19.90 -3.48 -33.74
N ARG A 185 -20.58 -3.54 -34.88
CA ARG A 185 -19.92 -3.79 -36.15
C ARG A 185 -19.10 -2.57 -36.52
N ASP A 186 -19.49 -1.42 -35.98
CA ASP A 186 -18.85 -0.16 -36.28
C ASP A 186 -17.78 0.27 -35.28
N HIS A 187 -17.23 -0.66 -34.50
CA HIS A 187 -16.34 -0.22 -33.43
C HIS A 187 -15.08 0.48 -33.95
N GLU A 188 -14.70 0.15 -35.17
CA GLU A 188 -13.53 0.74 -35.81
C GLU A 188 -13.76 2.20 -36.20
N LYS A 189 -14.74 2.46 -37.05
CA LYS A 189 -15.12 3.83 -37.36
C LYS A 189 -15.15 4.65 -36.08
N ILE A 190 -15.94 4.17 -35.11
CA ILE A 190 -16.19 4.89 -33.87
C ILE A 190 -14.91 5.06 -33.04
N SER A 191 -14.16 3.98 -32.89
CA SER A 191 -12.86 4.06 -32.23
C SER A 191 -11.92 5.08 -32.88
N GLU A 192 -11.91 5.13 -34.21
CA GLU A 192 -11.03 6.08 -34.92
C GLU A 192 -11.52 7.50 -34.74
N TRP A 193 -12.79 7.72 -35.06
CA TRP A 193 -13.34 9.05 -34.84
C TRP A 193 -13.08 9.50 -33.41
N HIS A 194 -13.32 8.63 -32.44
CA HIS A 194 -13.11 9.00 -31.05
C HIS A 194 -11.72 9.62 -30.77
N SER A 195 -10.69 9.09 -31.43
CA SER A 195 -9.32 9.60 -31.25
C SER A 195 -9.22 11.02 -31.70
N GLY A 196 -9.50 11.23 -32.99
CA GLY A 196 -9.43 12.52 -33.65
C GLY A 196 -9.95 13.65 -32.79
N VAL A 197 -11.19 13.52 -32.34
CA VAL A 197 -11.75 14.51 -31.44
C VAL A 197 -10.90 14.62 -30.18
N ALA A 198 -10.57 13.48 -29.57
CA ALA A 198 -9.80 13.44 -28.32
C ALA A 198 -8.41 14.04 -28.48
N ASP A 199 -7.70 13.59 -29.50
CA ASP A 199 -6.42 14.20 -29.86
C ASP A 199 -6.55 15.74 -29.86
N PHE A 200 -7.59 16.26 -30.50
CA PHE A 200 -7.87 17.69 -30.47
C PHE A 200 -7.86 18.22 -29.04
N ILE A 201 -8.68 17.67 -28.17
CA ILE A 201 -8.74 18.18 -26.80
C ILE A 201 -7.38 18.11 -26.11
N THR A 202 -6.75 16.93 -26.12
CA THR A 202 -5.53 16.66 -25.37
C THR A 202 -4.22 17.35 -25.82
N SER A 203 -4.19 17.86 -27.05
CA SER A 203 -2.95 18.36 -27.65
C SER A 203 -2.68 19.81 -27.30
N ILE A 204 -1.41 20.18 -27.24
CA ILE A 204 -1.06 21.58 -27.07
C ILE A 204 -1.14 22.27 -28.43
N SER A 205 -0.55 21.63 -29.43
CA SER A 205 -0.66 22.06 -30.83
C SER A 205 -0.88 20.90 -31.80
N GLN A 206 -1.31 21.24 -33.00
CA GLN A 206 -1.56 20.26 -34.06
C GLN A 206 -1.04 20.76 -35.40
N SER A 207 -0.47 19.83 -36.17
CA SER A 207 -0.17 20.06 -37.56
C SER A 207 -1.48 20.44 -38.25
N PRO A 208 -1.43 21.25 -39.32
CA PRO A 208 -2.70 21.59 -39.91
C PRO A 208 -3.43 20.35 -40.39
N GLU A 209 -2.68 19.32 -40.70
CA GLU A 209 -3.21 18.01 -41.06
C GLU A 209 -4.00 17.35 -39.94
N ALA A 210 -3.40 17.28 -38.75
CA ALA A 210 -4.08 16.66 -37.63
C ALA A 210 -5.37 17.39 -37.30
N ARG A 211 -5.36 18.71 -37.33
CA ARG A 211 -6.55 19.50 -37.04
C ARG A 211 -7.59 19.32 -38.15
N ALA A 212 -7.11 19.23 -39.39
CA ALA A 212 -7.99 18.92 -40.51
C ALA A 212 -8.59 17.55 -40.28
N HIS A 213 -7.78 16.66 -39.72
CA HIS A 213 -8.21 15.31 -39.47
C HIS A 213 -9.19 15.15 -38.31
N SER A 214 -8.93 15.85 -37.20
CA SER A 214 -9.83 15.89 -36.05
C SER A 214 -11.19 16.48 -36.37
N LEU A 215 -11.18 17.55 -37.15
CA LEU A 215 -12.39 18.22 -37.55
C LEU A 215 -13.27 17.24 -38.33
N TRP A 216 -12.66 16.49 -39.23
CA TRP A 216 -13.33 15.42 -39.97
C TRP A 216 -13.99 14.38 -39.05
N CYS A 217 -13.18 13.73 -38.21
CA CYS A 217 -13.68 12.83 -37.18
C CYS A 217 -14.93 13.34 -36.51
N SER A 218 -14.97 14.65 -36.26
CA SER A 218 -16.07 15.29 -35.56
C SER A 218 -17.29 15.43 -36.48
N GLU A 219 -17.05 15.99 -37.66
CA GLU A 219 -18.05 16.06 -38.72
C GLU A 219 -18.69 14.66 -38.92
N GLN A 220 -17.83 13.64 -38.94
CA GLN A 220 -18.25 12.30 -39.30
C GLN A 220 -19.13 11.69 -38.24
N LEU A 221 -18.78 11.98 -36.98
CA LEU A 221 -19.43 11.43 -35.79
C LEU A 221 -20.84 11.92 -35.64
N SER A 222 -21.03 13.22 -35.75
CA SER A 222 -22.35 13.80 -35.63
C SER A 222 -23.25 13.43 -36.82
N GLN A 223 -22.66 13.19 -37.98
CA GLN A 223 -23.43 12.75 -39.13
C GLN A 223 -23.86 11.29 -38.97
N TYR A 224 -23.21 10.57 -38.05
CA TYR A 224 -23.53 9.19 -37.75
C TYR A 224 -24.57 9.11 -36.64
N LEU A 225 -24.37 9.93 -35.62
CA LEU A 225 -25.22 9.86 -34.45
C LEU A 225 -26.57 10.53 -34.59
N MET A 226 -26.63 11.63 -35.32
CA MET A 226 -27.83 12.48 -35.36
C MET A 226 -29.07 11.75 -35.89
N PRO A 227 -28.93 10.97 -37.00
CA PRO A 227 -30.09 10.18 -37.47
C PRO A 227 -30.67 9.27 -36.37
N VAL A 228 -29.79 8.49 -35.74
CA VAL A 228 -30.11 7.68 -34.59
C VAL A 228 -30.90 8.45 -33.52
N ILE A 229 -30.59 9.72 -33.28
CA ILE A 229 -31.36 10.50 -32.31
C ILE A 229 -32.82 10.68 -32.74
N LYS A 230 -33.04 11.09 -33.99
CA LYS A 230 -34.42 11.15 -34.52
C LYS A 230 -35.15 9.79 -34.44
N GLU A 231 -34.50 8.73 -34.90
CA GLU A 231 -35.01 7.36 -34.78
C GLU A 231 -35.57 6.98 -33.41
N ARG A 232 -34.86 7.35 -32.35
CA ARG A 232 -35.20 6.90 -31.00
C ARG A 232 -36.14 7.87 -30.31
N ARG A 233 -36.08 9.14 -30.73
CA ARG A 233 -36.99 10.21 -30.31
C ARG A 233 -38.45 9.78 -30.46
N VAL A 234 -38.67 8.83 -31.36
CA VAL A 234 -40.00 8.40 -31.73
C VAL A 234 -40.33 6.95 -31.29
N ASN A 235 -39.31 6.13 -31.08
CA ASN A 235 -39.48 4.86 -30.33
C ASN A 235 -38.20 4.52 -29.56
N PRO A 236 -38.19 4.80 -28.25
CA PRO A 236 -37.04 4.56 -27.40
C PRO A 236 -36.72 3.05 -27.22
N GLY A 237 -35.64 2.76 -26.49
CA GLY A 237 -35.23 1.42 -26.11
C GLY A 237 -34.41 1.53 -24.84
N SER A 238 -33.80 0.44 -24.36
CA SER A 238 -33.09 0.50 -23.09
C SER A 238 -31.58 0.79 -23.21
N ASP A 239 -31.29 2.03 -23.63
CA ASP A 239 -29.94 2.56 -23.84
C ASP A 239 -29.98 4.03 -23.44
N LEU A 240 -28.86 4.71 -23.53
CA LEU A 240 -28.82 6.11 -23.13
C LEU A 240 -29.49 7.04 -24.14
N ILE A 241 -29.23 6.84 -25.42
CA ILE A 241 -29.78 7.76 -26.41
C ILE A 241 -31.30 7.73 -26.36
N SER A 242 -31.89 6.53 -26.25
CA SER A 242 -33.35 6.38 -26.18
C SER A 242 -33.92 7.18 -25.03
N ILE A 243 -33.21 7.10 -23.91
CA ILE A 243 -33.65 7.68 -22.66
C ILE A 243 -33.49 9.21 -22.64
N LEU A 244 -32.36 9.72 -23.15
CA LEU A 244 -32.14 11.17 -23.23
C LEU A 244 -33.20 11.89 -24.03
N CYS A 245 -33.99 11.11 -24.76
CA CYS A 245 -35.08 11.63 -25.58
C CYS A 245 -36.42 11.60 -24.84
N THR A 246 -36.39 11.31 -23.54
CA THR A 246 -37.60 11.30 -22.72
C THR A 246 -37.37 12.00 -21.38
N LEU A 254 -36.16 19.08 -24.25
CA LEU A 254 -34.70 18.93 -24.32
C LEU A 254 -34.17 18.65 -25.73
N SER A 255 -33.62 19.70 -26.35
CA SER A 255 -33.35 19.79 -27.79
C SER A 255 -32.59 18.64 -28.47
N ASP A 256 -32.83 18.51 -29.79
CA ASP A 256 -32.05 17.62 -30.66
C ASP A 256 -30.54 17.78 -30.45
N LYS A 257 -30.00 18.95 -30.82
CA LYS A 257 -28.55 19.18 -30.77
C LYS A 257 -27.93 19.10 -29.36
N ASP A 258 -28.72 19.34 -28.31
CA ASP A 258 -28.23 19.21 -26.94
C ASP A 258 -27.96 17.74 -26.61
N ILE A 259 -28.82 16.87 -27.12
CA ILE A 259 -28.65 15.46 -26.94
C ILE A 259 -27.37 15.00 -27.63
N LEU A 260 -27.10 15.53 -28.82
CA LEU A 260 -25.84 15.22 -29.51
C LEU A 260 -24.62 15.59 -28.67
N ALA A 261 -24.68 16.75 -28.02
CA ALA A 261 -23.60 17.19 -27.17
C ALA A 261 -23.37 16.26 -25.95
N LEU A 262 -24.45 15.86 -25.27
CA LEU A 262 -24.34 14.96 -24.12
C LEU A 262 -23.73 13.60 -24.48
N ILE A 263 -24.33 12.94 -25.46
CA ILE A 263 -23.80 11.73 -26.09
C ILE A 263 -22.29 11.86 -26.34
N LEU A 264 -21.91 12.80 -27.21
CA LEU A 264 -20.51 13.10 -27.50
C LEU A 264 -19.62 13.22 -26.25
N ASN A 265 -20.13 13.93 -25.25
CA ASN A 265 -19.39 14.08 -24.02
C ASN A 265 -19.25 12.78 -23.31
N VAL A 266 -20.34 12.03 -23.20
CA VAL A 266 -20.34 10.72 -22.58
C VAL A 266 -19.49 9.74 -23.39
N LEU A 267 -19.33 9.98 -24.70
CA LEU A 267 -18.48 9.13 -25.52
C LEU A 267 -17.00 9.40 -25.25
N LEU A 268 -16.63 10.66 -25.11
CA LEU A 268 -15.24 10.97 -24.85
C LEU A 268 -14.89 10.60 -23.42
N ALA A 269 -15.84 10.82 -22.50
CA ALA A 269 -15.52 10.63 -21.12
C ALA A 269 -15.47 9.16 -20.71
N ALA A 270 -16.32 8.32 -21.27
CA ALA A 270 -16.36 6.96 -20.81
C ALA A 270 -15.30 6.15 -21.51
N THR A 271 -14.67 6.71 -22.54
CA THR A 271 -13.76 5.91 -23.37
C THR A 271 -12.27 6.05 -23.03
N GLU A 272 -11.72 7.25 -23.16
CA GLU A 272 -10.31 7.49 -22.84
C GLU A 272 -9.78 6.82 -21.56
N PRO A 273 -10.48 6.98 -20.42
CA PRO A 273 -9.80 6.49 -19.22
C PRO A 273 -9.87 4.97 -19.03
N ALA A 274 -10.97 4.33 -19.45
CA ALA A 274 -11.21 2.94 -19.04
C ALA A 274 -10.14 1.99 -19.53
N ASP A 275 -9.85 2.05 -20.83
CA ASP A 275 -8.81 1.18 -21.40
C ASP A 275 -7.51 1.38 -20.64
N LYS A 276 -7.24 2.63 -20.25
CA LYS A 276 -5.93 3.05 -19.76
C LYS A 276 -5.64 2.44 -18.41
N THR A 277 -6.64 2.51 -17.55
CA THR A 277 -6.53 2.04 -16.18
C THR A 277 -6.24 0.55 -16.16
N LEU A 278 -7.00 -0.22 -16.93
CA LEU A 278 -6.81 -1.64 -16.98
C LEU A 278 -5.33 -1.99 -17.19
N ALA A 279 -4.74 -1.38 -18.21
CA ALA A 279 -3.37 -1.68 -18.55
C ALA A 279 -2.50 -1.33 -17.35
N LEU A 280 -2.68 -0.11 -16.83
CA LEU A 280 -1.94 0.38 -15.66
C LEU A 280 -1.99 -0.64 -14.53
N MET A 281 -3.20 -1.07 -14.17
CA MET A 281 -3.40 -1.98 -13.06
C MET A 281 -2.64 -3.27 -13.32
N ILE A 282 -2.87 -3.87 -14.47
CA ILE A 282 -2.15 -5.08 -14.81
C ILE A 282 -0.65 -4.84 -14.68
N TYR A 283 -0.18 -3.69 -15.14
CA TYR A 283 1.26 -3.50 -15.23
C TYR A 283 1.88 -3.52 -13.86
N HIS A 284 1.36 -2.65 -12.99
CA HIS A 284 1.80 -2.55 -11.61
C HIS A 284 1.48 -3.76 -10.77
N LEU A 285 0.41 -4.49 -11.11
CA LEU A 285 0.20 -5.79 -10.47
C LEU A 285 1.37 -6.70 -10.78
N LEU A 286 1.75 -6.76 -12.03
CA LEU A 286 2.82 -7.65 -12.46
C LEU A 286 4.18 -7.21 -11.94
N ASN A 287 4.36 -5.91 -11.81
CA ASN A 287 5.63 -5.37 -11.36
C ASN A 287 5.88 -5.61 -9.86
N ASN A 288 4.80 -5.97 -9.15
CA ASN A 288 4.85 -6.39 -7.77
C ASN A 288 4.19 -7.75 -7.63
N PRO A 289 4.88 -8.79 -8.09
CA PRO A 289 4.26 -10.08 -8.34
C PRO A 289 3.58 -10.71 -7.13
N GLU A 290 3.97 -10.32 -5.92
CA GLU A 290 3.31 -10.88 -4.75
C GLU A 290 1.93 -10.33 -4.55
N GLN A 291 1.75 -9.07 -4.95
CA GLN A 291 0.47 -8.39 -4.89
C GLN A 291 -0.44 -9.01 -5.93
N MET A 292 0.12 -9.30 -7.11
CA MET A 292 -0.59 -10.06 -8.11
C MET A 292 -1.12 -11.34 -7.48
N ASN A 293 -0.23 -12.21 -7.02
CA ASN A 293 -0.63 -13.45 -6.36
C ASN A 293 -1.70 -13.25 -5.27
N ASP A 294 -1.67 -12.09 -4.63
CA ASP A 294 -2.71 -11.73 -3.68
C ASP A 294 -4.08 -11.70 -4.33
N VAL A 295 -4.17 -10.96 -5.43
CA VAL A 295 -5.41 -10.76 -6.18
C VAL A 295 -5.85 -12.10 -6.82
N LEU A 296 -4.89 -12.95 -7.17
CA LEU A 296 -5.21 -14.25 -7.74
C LEU A 296 -5.92 -15.17 -6.76
N ALA A 297 -5.63 -15.03 -5.48
CA ALA A 297 -6.19 -15.95 -4.48
C ALA A 297 -7.43 -15.43 -3.81
N ASP A 298 -7.71 -14.14 -3.97
CA ASP A 298 -8.93 -13.54 -3.42
C ASP A 298 -9.33 -12.38 -4.29
N ARG A 299 -10.44 -12.54 -5.01
CA ARG A 299 -10.78 -11.64 -6.11
C ARG A 299 -11.55 -10.42 -5.68
N SER A 300 -11.99 -10.39 -4.41
CA SER A 300 -12.63 -9.21 -3.86
C SER A 300 -11.60 -8.12 -3.73
N LEU A 301 -10.33 -8.49 -3.85
CA LEU A 301 -9.27 -7.51 -3.87
C LEU A 301 -9.31 -6.61 -5.09
N VAL A 302 -9.90 -7.06 -6.20
CA VAL A 302 -9.84 -6.29 -7.44
C VAL A 302 -10.12 -4.78 -7.32
N PRO A 303 -11.20 -4.39 -6.61
CA PRO A 303 -11.44 -2.95 -6.39
C PRO A 303 -10.27 -2.17 -5.74
N ARG A 304 -9.73 -2.66 -4.62
CA ARG A 304 -8.58 -2.00 -3.97
C ARG A 304 -7.48 -1.85 -4.98
N ALA A 305 -7.36 -2.89 -5.82
CA ALA A 305 -6.35 -2.96 -6.85
C ALA A 305 -6.67 -1.96 -7.95
N ILE A 306 -7.95 -1.84 -8.30
CA ILE A 306 -8.37 -0.81 -9.24
C ILE A 306 -8.07 0.51 -8.60
N ALA A 307 -8.53 0.68 -7.36
CA ALA A 307 -8.43 1.96 -6.67
C ALA A 307 -6.98 2.44 -6.51
N GLU A 308 -6.08 1.54 -6.12
CA GLU A 308 -4.72 1.99 -5.81
C GLU A 308 -3.96 2.34 -7.09
N THR A 309 -4.35 1.72 -8.20
CA THR A 309 -3.84 2.09 -9.52
C THR A 309 -4.30 3.50 -9.88
N LEU A 310 -5.52 3.85 -9.47
CA LEU A 310 -6.10 5.15 -9.79
C LEU A 310 -5.33 6.26 -9.12
N ARG A 311 -5.04 6.04 -7.85
CA ARG A 311 -4.20 6.97 -7.09
C ARG A 311 -2.80 6.96 -7.66
N TYR A 312 -2.25 5.78 -7.90
CA TYR A 312 -0.83 5.70 -8.22
C TYR A 312 -0.56 6.49 -9.46
N LYS A 313 -1.31 6.17 -10.50
CA LYS A 313 -1.02 6.55 -11.87
C LYS A 313 -2.31 7.06 -12.55
N PRO A 314 -2.88 8.18 -12.04
CA PRO A 314 -4.20 8.59 -12.54
C PRO A 314 -4.19 8.76 -14.05
N PRO A 315 -5.20 8.20 -14.74
CA PRO A 315 -5.28 8.26 -16.21
C PRO A 315 -5.51 9.69 -16.71
N VAL A 316 -6.52 10.36 -16.16
CA VAL A 316 -6.71 11.80 -16.33
C VAL A 316 -5.73 12.51 -15.39
N GLN A 317 -4.80 13.27 -15.94
CA GLN A 317 -3.71 13.89 -15.18
C GLN A 317 -3.90 15.35 -14.79
N LEU A 318 -4.73 16.08 -15.56
CA LEU A 318 -5.11 17.46 -15.23
C LEU A 318 -6.62 17.66 -15.33
N ILE A 319 -7.20 18.41 -14.40
CA ILE A 319 -8.59 18.86 -14.54
C ILE A 319 -8.65 20.37 -14.53
N PRO A 320 -8.99 20.98 -15.68
CA PRO A 320 -9.06 22.43 -15.75
C PRO A 320 -10.17 23.02 -14.88
N ARG A 321 -10.00 24.29 -14.50
CA ARG A 321 -11.08 25.12 -13.98
C ARG A 321 -10.80 26.58 -14.36
N GLN A 322 -11.78 27.24 -14.98
CA GLN A 322 -11.69 28.68 -15.22
C GLN A 322 -12.12 29.37 -13.93
N LEU A 323 -11.65 30.60 -13.73
CA LEU A 323 -11.93 31.35 -12.49
C LEU A 323 -12.98 32.44 -12.64
N SER A 324 -14.00 32.36 -11.78
CA SER A 324 -15.13 33.27 -11.82
C SER A 324 -14.81 34.66 -11.24
N GLN A 325 -13.63 34.81 -10.66
CA GLN A 325 -13.30 36.04 -9.94
C GLN A 325 -11.79 36.24 -9.73
N ASP A 326 -11.46 37.29 -8.97
CA ASP A 326 -10.15 37.40 -8.33
C ASP A 326 -10.19 36.50 -7.08
N THR A 327 -9.20 35.64 -6.94
CA THR A 327 -9.12 34.69 -5.82
C THR A 327 -7.70 34.16 -5.59
N VAL A 328 -7.45 33.66 -4.37
CA VAL A 328 -6.14 33.13 -4.00
C VAL A 328 -6.24 31.74 -3.37
N VAL A 329 -5.38 30.83 -3.80
CA VAL A 329 -5.17 29.54 -3.10
C VAL A 329 -3.70 29.15 -3.26
N GLY A 330 -2.98 29.14 -2.14
CA GLY A 330 -1.53 29.00 -2.16
C GLY A 330 -0.87 30.37 -2.21
N GLY A 331 0.41 30.42 -2.61
CA GLY A 331 1.23 31.63 -2.59
C GLY A 331 0.75 32.85 -3.37
N MET A 332 0.71 32.72 -4.70
CA MET A 332 0.39 33.85 -5.61
C MET A 332 -1.10 34.21 -5.65
N GLU A 333 -1.38 35.50 -5.87
CA GLU A 333 -2.74 35.99 -6.09
C GLU A 333 -3.06 35.95 -7.59
N ILE A 334 -4.08 35.17 -7.97
CA ILE A 334 -4.45 34.96 -9.39
C ILE A 334 -5.64 35.81 -9.79
N LYS A 335 -5.74 36.16 -11.08
CA LYS A 335 -6.76 37.10 -11.55
C LYS A 335 -7.95 36.51 -12.36
N LYS A 336 -8.96 37.34 -12.59
CA LYS A 336 -10.25 36.92 -13.14
C LYS A 336 -10.17 36.42 -14.58
N ASP A 337 -10.91 35.34 -14.85
CA ASP A 337 -11.01 34.71 -16.17
C ASP A 337 -9.83 33.82 -16.54
N THR A 338 -8.79 33.82 -15.70
CA THR A 338 -7.68 32.90 -15.92
C THR A 338 -8.10 31.45 -15.58
N ILE A 339 -7.50 30.48 -16.26
CA ILE A 339 -7.80 29.07 -16.00
C ILE A 339 -6.62 28.36 -15.33
N VAL A 340 -6.92 27.41 -14.47
CA VAL A 340 -5.86 26.67 -13.77
C VAL A 340 -5.92 25.19 -14.13
N PHE A 341 -4.86 24.46 -13.82
CA PHE A 341 -4.84 23.01 -14.04
C PHE A 341 -4.48 22.26 -12.78
N CYS A 342 -5.40 21.44 -12.31
CA CYS A 342 -5.14 20.60 -11.16
C CYS A 342 -4.28 19.43 -11.58
N MET A 343 -3.06 19.36 -11.03
CA MET A 343 -2.15 18.26 -11.30
C MET A 343 -2.47 17.05 -10.42
N ILE A 344 -3.20 16.08 -10.98
CA ILE A 344 -3.72 14.98 -10.18
C ILE A 344 -2.62 14.03 -9.73
N GLY A 345 -1.65 13.77 -10.59
CA GLY A 345 -0.50 12.96 -10.20
C GLY A 345 0.15 13.45 -8.92
N ALA A 346 0.52 14.73 -8.93
CA ALA A 346 1.07 15.44 -7.79
C ALA A 346 0.25 15.22 -6.52
N ALA A 347 -1.05 15.55 -6.60
CA ALA A 347 -1.95 15.46 -5.45
C ALA A 347 -1.97 14.08 -4.83
N ASN A 348 -2.04 13.04 -5.66
CA ASN A 348 -2.08 11.65 -5.20
C ASN A 348 -0.71 11.07 -4.83
N ARG A 349 0.35 11.83 -5.10
CA ARG A 349 1.68 11.49 -4.60
C ARG A 349 2.14 12.40 -3.44
N ASP A 350 1.25 13.26 -2.95
CA ASP A 350 1.55 14.19 -1.84
C ASP A 350 1.62 13.45 -0.50
N PRO A 351 2.79 13.53 0.17
CA PRO A 351 3.01 12.87 1.46
C PRO A 351 2.00 13.31 2.52
N GLU A 352 1.33 14.45 2.29
CA GLU A 352 0.38 15.03 3.25
C GLU A 352 -0.99 14.35 3.28
N ALA A 353 -1.35 13.71 2.17
CA ALA A 353 -2.61 12.95 2.07
C ALA A 353 -2.36 11.46 2.30
N PHE A 354 -1.31 10.93 1.67
CA PHE A 354 -1.03 9.51 1.73
C PHE A 354 0.37 9.19 2.19
N GLU A 355 0.44 8.28 3.16
CA GLU A 355 1.67 7.67 3.66
C GLU A 355 2.40 6.87 2.59
N GLN A 356 3.73 6.94 2.56
CA GLN A 356 4.58 6.32 1.54
C GLN A 356 3.94 6.45 0.17
N PRO A 357 3.65 7.71 -0.24
CA PRO A 357 2.80 7.96 -1.41
C PRO A 357 3.33 7.36 -2.71
N ASP A 358 4.65 7.36 -2.90
CA ASP A 358 5.25 6.82 -4.12
C ASP A 358 5.45 5.32 -4.04
N VAL A 359 4.67 4.64 -3.21
CA VAL A 359 4.70 3.17 -3.16
C VAL A 359 3.37 2.55 -3.58
N PHE A 360 3.41 1.67 -4.59
CA PHE A 360 2.21 0.95 -4.99
C PHE A 360 2.01 -0.18 -4.00
N ASN A 361 0.83 -0.13 -3.37
CA ASN A 361 0.45 -1.03 -2.31
C ASN A 361 -1.07 -1.12 -2.44
N ILE A 362 -1.62 -2.28 -2.76
CA ILE A 362 -3.09 -2.37 -2.85
C ILE A 362 -3.62 -2.46 -1.43
N HIS A 363 -2.73 -2.71 -0.48
CA HIS A 363 -3.13 -2.98 0.89
C HIS A 363 -2.92 -1.76 1.79
N ARG A 364 -2.85 -0.58 1.19
CA ARG A 364 -2.59 0.59 2.00
C ARG A 364 -3.82 0.90 2.86
N GLU A 365 -3.59 1.23 4.14
CA GLU A 365 -4.67 1.44 5.11
C GLU A 365 -5.41 2.75 4.92
N ASP A 366 -4.84 3.65 4.11
CA ASP A 366 -5.38 4.98 3.90
C ASP A 366 -5.98 5.22 2.50
N LEU A 367 -6.17 4.15 1.74
CA LEU A 367 -6.81 4.26 0.46
C LEU A 367 -8.26 4.66 0.66
N GLY A 368 -8.93 4.05 1.62
CA GLY A 368 -10.32 4.35 1.92
C GLY A 368 -11.26 3.73 0.91
N ILE A 369 -11.08 2.41 0.71
CA ILE A 369 -11.75 1.61 -0.34
C ILE A 369 -13.26 1.77 -0.41
N LYS A 370 -13.88 1.88 0.77
CA LYS A 370 -15.34 1.98 0.93
C LYS A 370 -15.86 3.32 0.39
N SER A 371 -14.93 4.23 0.11
CA SER A 371 -15.24 5.56 -0.36
C SER A 371 -14.54 5.88 -1.68
N ALA A 372 -13.65 4.98 -2.10
CA ALA A 372 -12.79 5.15 -3.28
C ALA A 372 -13.52 5.45 -4.59
N PHE A 373 -14.78 5.02 -4.70
CA PHE A 373 -15.57 5.18 -5.92
C PHE A 373 -16.81 6.01 -5.73
N SER A 374 -16.70 7.06 -4.93
CA SER A 374 -17.84 7.94 -4.67
C SER A 374 -17.43 9.40 -4.76
N GLY A 375 -18.44 10.26 -4.68
CA GLY A 375 -18.26 11.72 -4.74
C GLY A 375 -17.30 12.36 -3.74
N ALA A 376 -16.96 11.62 -2.68
CA ALA A 376 -16.08 12.14 -1.64
C ALA A 376 -14.98 11.14 -1.28
N ALA A 377 -14.15 10.79 -2.27
CA ALA A 377 -13.05 9.81 -2.08
C ALA A 377 -11.71 10.43 -1.67
N ARG A 378 -10.81 9.60 -1.17
CA ARG A 378 -9.49 10.02 -0.75
C ARG A 378 -8.61 10.44 -1.93
N HIS A 379 -8.38 9.52 -2.88
CA HIS A 379 -7.64 9.83 -4.12
C HIS A 379 -8.56 10.66 -4.96
N LEU A 380 -8.05 11.31 -6.00
CA LEU A 380 -8.88 12.25 -6.76
C LEU A 380 -8.93 12.03 -8.30
N ALA A 381 -8.62 10.84 -8.77
CA ALA A 381 -8.66 10.61 -10.21
C ALA A 381 -10.07 10.71 -10.81
N PHE A 382 -11.08 10.74 -9.94
CA PHE A 382 -12.45 11.02 -10.36
C PHE A 382 -12.82 12.49 -10.16
N GLY A 383 -11.89 13.30 -9.68
CA GLY A 383 -12.21 14.66 -9.21
C GLY A 383 -12.84 14.57 -7.83
N SER A 384 -13.47 15.63 -7.33
CA SER A 384 -14.07 15.56 -5.99
C SER A 384 -15.22 16.52 -5.75
N GLY A 385 -16.28 16.00 -5.12
CA GLY A 385 -17.45 16.79 -4.76
C GLY A 385 -18.69 16.56 -5.60
N ILE A 386 -19.45 17.65 -5.79
CA ILE A 386 -20.74 17.64 -6.49
C ILE A 386 -20.57 17.55 -8.01
N HIS A 387 -19.33 17.73 -8.47
CA HIS A 387 -19.01 17.75 -9.89
C HIS A 387 -17.97 16.68 -10.25
N ASN A 388 -18.06 15.51 -9.61
CA ASN A 388 -17.14 14.39 -9.92
C ASN A 388 -17.65 13.47 -11.05
N CYS A 389 -16.76 12.63 -11.57
CA CYS A 389 -17.09 11.72 -12.67
C CYS A 389 -18.37 10.97 -12.34
N VAL A 390 -19.40 11.19 -13.15
CA VAL A 390 -20.72 10.55 -12.95
C VAL A 390 -20.67 9.03 -13.03
N GLY A 391 -19.81 8.50 -13.90
CA GLY A 391 -19.71 7.06 -14.07
C GLY A 391 -18.68 6.38 -13.18
N THR A 392 -18.68 6.71 -11.90
CA THR A 392 -17.72 6.13 -10.98
C THR A 392 -18.17 4.73 -10.60
N ALA A 393 -19.46 4.63 -10.24
CA ALA A 393 -20.09 3.35 -9.95
C ALA A 393 -19.87 2.40 -11.14
N PHE A 394 -20.09 2.96 -12.34
CA PHE A 394 -20.05 2.23 -13.61
C PHE A 394 -18.64 1.79 -14.00
N ALA A 395 -17.70 2.74 -13.95
CA ALA A 395 -16.29 2.43 -14.14
C ALA A 395 -15.85 1.33 -13.19
N LYS A 396 -16.13 1.47 -11.90
CA LYS A 396 -15.79 0.43 -10.96
C LYS A 396 -16.11 -0.94 -11.56
N ASN A 397 -17.40 -1.19 -11.82
CA ASN A 397 -17.85 -2.49 -12.25
C ASN A 397 -17.22 -2.93 -13.58
N GLU A 398 -17.21 -2.00 -14.54
CA GLU A 398 -16.58 -2.25 -15.82
C GLU A 398 -15.17 -2.77 -15.67
N ILE A 399 -14.28 -2.03 -15.02
CA ILE A 399 -12.92 -2.53 -14.87
C ILE A 399 -12.90 -3.79 -13.98
N GLU A 400 -13.78 -3.85 -12.99
CA GLU A 400 -13.80 -5.04 -12.18
C GLU A 400 -13.99 -6.22 -13.11
N ILE A 401 -14.99 -6.15 -13.98
CA ILE A 401 -15.37 -7.31 -14.82
C ILE A 401 -14.27 -7.78 -15.76
N VAL A 402 -13.66 -6.84 -16.50
CA VAL A 402 -12.60 -7.19 -17.45
C VAL A 402 -11.42 -7.80 -16.74
N ALA A 403 -10.97 -7.15 -15.67
CA ALA A 403 -9.85 -7.62 -14.89
C ALA A 403 -10.01 -9.12 -14.59
N ASN A 404 -11.13 -9.48 -13.96
CA ASN A 404 -11.40 -10.87 -13.65
C ASN A 404 -11.33 -11.79 -14.88
N ILE A 405 -11.82 -11.28 -16.01
CA ILE A 405 -11.83 -12.06 -17.25
C ILE A 405 -10.40 -12.23 -17.78
N VAL A 406 -9.64 -11.15 -17.84
CA VAL A 406 -8.22 -11.24 -18.16
C VAL A 406 -7.50 -12.22 -17.22
N LEU A 407 -7.66 -12.01 -15.91
CA LEU A 407 -7.01 -12.88 -14.93
C LEU A 407 -7.36 -14.36 -15.16
N ASP A 408 -8.61 -14.63 -15.57
CA ASP A 408 -9.11 -15.99 -15.79
C ASP A 408 -8.48 -16.62 -17.01
N LYS A 409 -8.40 -15.84 -18.08
CA LYS A 409 -8.10 -16.39 -19.40
C LYS A 409 -6.60 -16.47 -19.67
N MET A 410 -5.85 -15.54 -19.11
CA MET A 410 -4.41 -15.51 -19.33
C MET A 410 -3.69 -16.15 -18.16
N ARG A 411 -3.85 -17.45 -18.03
CA ARG A 411 -3.29 -18.17 -16.91
C ARG A 411 -1.79 -18.03 -16.97
N ASN A 412 -1.21 -17.61 -15.84
CA ASN A 412 0.23 -17.41 -15.66
C ASN A 412 0.86 -16.19 -16.34
N ILE A 413 0.09 -15.11 -16.49
CA ILE A 413 0.59 -13.90 -17.13
C ILE A 413 1.96 -13.49 -16.62
N ARG A 414 2.93 -13.34 -17.53
CA ARG A 414 4.16 -12.62 -17.23
C ARG A 414 4.16 -11.33 -18.04
N LEU A 415 5.16 -10.49 -17.81
CA LEU A 415 5.51 -9.50 -18.81
C LEU A 415 6.43 -10.15 -19.84
N GLU A 416 6.29 -9.75 -21.09
CA GLU A 416 7.13 -10.31 -22.16
C GLU A 416 8.62 -10.11 -21.96
N GLU A 417 9.40 -11.17 -22.19
CA GLU A 417 10.86 -11.10 -22.09
C GLU A 417 11.32 -9.88 -22.89
N ASP A 418 12.24 -9.10 -22.32
CA ASP A 418 12.76 -7.91 -23.01
C ASP A 418 11.71 -6.83 -23.34
N PHE A 419 10.53 -6.90 -22.72
CA PHE A 419 9.56 -5.79 -22.81
C PHE A 419 10.02 -4.62 -21.96
N CYS A 420 10.37 -3.53 -22.63
CA CYS A 420 10.71 -2.28 -21.96
C CYS A 420 9.44 -1.41 -21.88
N TYR A 421 9.19 -0.76 -20.76
CA TYR A 421 7.88 -0.12 -20.46
C TYR A 421 7.87 1.39 -20.61
N ALA A 422 6.78 1.92 -21.17
CA ALA A 422 6.65 3.37 -21.47
C ALA A 422 5.23 3.97 -21.32
N GLU A 423 5.16 5.16 -20.73
CA GLU A 423 3.93 5.94 -20.67
C GLU A 423 4.04 7.20 -21.50
N SER A 424 2.91 7.57 -22.10
CA SER A 424 2.80 8.77 -22.92
C SER A 424 1.49 9.47 -22.63
N GLY A 425 1.53 10.80 -22.60
CA GLY A 425 0.35 11.57 -22.24
C GLY A 425 0.71 12.71 -21.31
N LEU A 426 -0.08 13.76 -21.34
CA LEU A 426 0.21 14.93 -20.53
C LEU A 426 -1.11 15.41 -19.94
N TYR A 427 -2.16 15.26 -20.72
CA TYR A 427 -3.48 15.57 -20.25
C TYR A 427 -4.12 14.25 -19.84
N THR A 428 -4.03 13.25 -20.71
CA THR A 428 -4.34 11.86 -20.34
C THR A 428 -3.11 11.01 -20.58
N ARG A 429 -2.83 10.11 -19.66
CA ARG A 429 -1.61 9.36 -19.74
C ARG A 429 -1.87 7.89 -19.49
N GLY A 430 -1.27 7.06 -20.33
CA GLY A 430 -1.31 5.62 -20.19
C GLY A 430 -0.06 4.95 -20.77
N PRO A 431 0.02 3.61 -20.68
CA PRO A 431 1.04 2.83 -21.38
C PRO A 431 0.92 2.97 -22.90
N VAL A 432 2.05 2.87 -23.58
CA VAL A 432 2.05 2.94 -25.01
C VAL A 432 1.56 1.61 -25.53
N SER A 433 1.71 0.58 -24.70
CA SER A 433 1.53 -0.79 -25.12
C SER A 433 1.86 -1.64 -23.93
N LEU A 434 1.35 -2.87 -23.89
CA LEU A 434 1.60 -3.75 -22.74
C LEU A 434 1.76 -5.23 -23.19
N LEU A 435 3.00 -5.67 -23.32
CA LEU A 435 3.28 -6.96 -23.93
C LEU A 435 3.34 -8.05 -22.87
N VAL A 436 2.21 -8.72 -22.71
CA VAL A 436 2.06 -9.81 -21.78
C VAL A 436 2.07 -11.17 -22.53
N ALA A 437 2.68 -12.18 -21.92
CA ALA A 437 2.64 -13.58 -22.42
C ALA A 437 1.91 -14.49 -21.43
N PHE A 438 1.36 -15.61 -21.89
CA PHE A 438 0.60 -16.53 -21.02
C PHE A 438 0.52 -17.97 -21.52
N ASP A 439 -0.38 -18.76 -20.94
CA ASP A 439 -0.51 -20.17 -21.28
C ASP A 439 -1.64 -20.41 -22.27
N SER B 40 13.55 -39.90 7.79
CA SER B 40 12.29 -40.46 8.35
C SER B 40 11.64 -39.48 9.32
N ILE B 41 10.40 -39.10 9.01
CA ILE B 41 9.62 -38.12 9.78
C ILE B 41 8.23 -38.01 9.12
N LYS B 42 7.48 -36.92 9.32
CA LYS B 42 7.68 -35.92 10.35
C LYS B 42 6.85 -36.36 11.55
N LEU B 43 7.50 -37.04 12.49
CA LEU B 43 6.97 -37.26 13.82
C LEU B 43 7.78 -36.34 14.76
N PHE B 44 8.85 -35.79 14.19
CA PHE B 44 9.61 -34.63 14.68
C PHE B 44 8.74 -33.48 15.18
N SER B 45 9.16 -32.87 16.28
CA SER B 45 8.43 -31.79 16.90
C SER B 45 9.16 -30.49 16.61
N VAL B 46 8.43 -29.44 16.26
CA VAL B 46 9.04 -28.11 16.06
C VAL B 46 9.16 -27.47 17.43
N LEU B 47 8.82 -28.25 18.45
CA LEU B 47 8.95 -27.82 19.84
C LEU B 47 10.21 -28.40 20.46
N SER B 48 10.75 -29.46 19.86
CA SER B 48 11.91 -30.14 20.38
C SER B 48 13.08 -29.20 20.63
N ASP B 49 13.86 -29.50 21.67
CA ASP B 49 15.11 -28.81 21.90
C ASP B 49 15.95 -28.79 20.62
N GLN B 50 15.85 -29.88 19.86
CA GLN B 50 16.65 -30.12 18.67
C GLN B 50 16.31 -29.15 17.54
N PHE B 51 15.02 -28.84 17.40
CA PHE B 51 14.56 -27.87 16.41
C PHE B 51 14.99 -26.49 16.86
N GLN B 52 14.74 -26.15 18.13
CA GLN B 52 15.11 -24.85 18.68
C GLN B 52 16.60 -24.58 18.59
N ASN B 53 17.39 -25.65 18.65
CA ASN B 53 18.83 -25.58 18.46
C ASN B 53 19.17 -24.73 17.24
N ASN B 54 18.43 -24.97 16.16
CA ASN B 54 18.55 -24.21 14.90
C ASN B 54 17.21 -24.57 14.28
N PRO B 55 16.44 -23.56 13.82
CA PRO B 55 15.16 -23.77 13.16
C PRO B 55 15.46 -23.84 11.67
N TYR B 56 16.45 -23.07 11.22
CA TYR B 56 16.75 -22.90 9.80
C TYR B 56 17.33 -24.12 9.09
N ALA B 57 17.47 -25.24 9.79
CA ALA B 57 17.98 -26.48 9.18
C ALA B 57 16.86 -27.44 8.81
N TYR B 58 15.63 -27.11 9.17
CA TYR B 58 14.51 -28.04 9.03
C TYR B 58 13.38 -27.51 8.14
N PHE B 59 13.42 -26.20 7.86
CA PHE B 59 12.37 -25.48 7.14
C PHE B 59 11.95 -26.10 5.82
N SER B 60 12.96 -26.50 5.01
CA SER B 60 12.75 -27.20 3.73
C SER B 60 12.04 -28.53 3.85
N GLN B 61 12.68 -29.45 4.57
CA GLN B 61 12.09 -30.73 4.96
C GLN B 61 10.63 -30.55 5.41
N LEU B 62 10.38 -29.47 6.16
CA LEU B 62 9.04 -29.15 6.64
C LEU B 62 8.09 -28.78 5.49
N ARG B 63 8.42 -27.72 4.74
CA ARG B 63 7.55 -27.25 3.66
C ARG B 63 7.48 -28.18 2.43
N GLU B 64 8.52 -28.98 2.22
CA GLU B 64 8.52 -29.89 1.09
C GLU B 64 7.66 -31.11 1.34
N GLU B 65 7.74 -31.64 2.56
CA GLU B 65 7.07 -32.90 2.91
C GLU B 65 5.85 -32.69 3.83
N ASP B 66 5.93 -31.75 4.76
CA ASP B 66 4.81 -31.53 5.67
C ASP B 66 4.42 -30.07 5.91
N PRO B 67 4.03 -29.34 4.85
CA PRO B 67 3.83 -27.90 4.97
C PRO B 67 2.62 -27.47 5.79
N VAL B 68 1.77 -28.42 6.18
CA VAL B 68 0.69 -28.14 7.11
C VAL B 68 0.95 -29.07 8.28
N HIS B 69 2.00 -28.74 9.05
CA HIS B 69 2.52 -29.60 10.11
C HIS B 69 1.73 -29.59 11.40
N TYR B 70 1.09 -30.72 11.69
CA TYR B 70 0.42 -30.94 12.97
C TYR B 70 1.44 -31.09 14.11
N GLU B 71 1.07 -30.54 15.26
CA GLU B 71 1.88 -30.67 16.45
C GLU B 71 1.00 -31.32 17.49
N GLU B 72 1.50 -32.44 18.02
CA GLU B 72 0.77 -33.34 18.91
C GLU B 72 0.40 -32.65 20.23
N SER B 73 1.40 -32.13 20.94
CA SER B 73 1.26 -31.68 22.34
C SER B 73 0.25 -30.57 22.59
N ILE B 74 0.42 -29.44 21.94
CA ILE B 74 -0.64 -28.45 21.80
C ILE B 74 -1.46 -28.87 20.60
N ASP B 75 -2.77 -28.68 20.63
CA ASP B 75 -3.61 -29.17 19.54
C ASP B 75 -3.60 -28.18 18.36
N SER B 76 -2.50 -28.18 17.60
CA SER B 76 -2.22 -27.07 16.71
C SER B 76 -1.39 -27.43 15.48
N TYR B 77 -1.46 -26.56 14.47
CA TYR B 77 -0.82 -26.78 13.19
C TYR B 77 0.24 -25.73 12.89
N PHE B 78 1.36 -26.16 12.33
CA PHE B 78 2.47 -25.25 12.01
C PHE B 78 2.65 -25.18 10.51
N ILE B 79 2.63 -23.96 9.99
CA ILE B 79 2.47 -23.75 8.57
C ILE B 79 3.73 -23.21 7.92
N SER B 80 4.30 -24.02 7.04
CA SER B 80 5.64 -23.81 6.54
C SER B 80 5.81 -22.99 5.23
N ARG B 81 4.83 -23.05 4.33
CA ARG B 81 4.92 -22.48 2.95
C ARG B 81 4.59 -20.99 2.85
N TYR B 82 5.45 -20.24 2.17
CA TYR B 82 5.30 -18.80 1.97
C TYR B 82 3.89 -18.34 1.56
N HIS B 83 3.35 -18.95 0.51
CA HIS B 83 2.04 -18.55 -0.02
C HIS B 83 0.84 -18.91 0.86
N ASP B 84 0.83 -20.12 1.41
CA ASP B 84 -0.09 -20.45 2.51
C ASP B 84 -0.04 -19.41 3.67
N VAL B 85 1.17 -19.09 4.14
CA VAL B 85 1.34 -18.15 5.24
C VAL B 85 0.72 -16.80 4.93
N ARG B 86 1.25 -16.13 3.90
CA ARG B 86 0.76 -14.84 3.40
C ARG B 86 -0.74 -14.84 3.17
N TYR B 87 -1.32 -15.94 2.71
CA TYR B 87 -2.77 -15.97 2.52
C TYR B 87 -3.46 -15.82 3.84
N ILE B 88 -3.01 -16.62 4.81
CA ILE B 88 -3.56 -16.67 6.18
C ILE B 88 -3.47 -15.30 6.86
N LEU B 89 -2.26 -14.74 6.86
CA LEU B 89 -1.99 -13.44 7.43
C LEU B 89 -2.91 -12.34 6.91
N GLN B 90 -3.34 -12.45 5.66
CA GLN B 90 -4.07 -11.38 5.01
C GLN B 90 -5.57 -11.53 5.21
N HIS B 91 -5.99 -12.62 5.85
CA HIS B 91 -7.41 -12.91 5.96
C HIS B 91 -7.93 -13.01 7.39
N PRO B 92 -7.83 -11.90 8.14
CA PRO B 92 -8.12 -11.91 9.56
C PRO B 92 -9.54 -12.35 9.87
N ASP B 93 -10.40 -12.41 8.86
CA ASP B 93 -11.80 -12.81 9.04
C ASP B 93 -11.93 -14.30 9.17
N ILE B 94 -11.27 -15.02 8.27
CA ILE B 94 -11.30 -16.46 8.28
C ILE B 94 -10.28 -16.98 9.30
N PHE B 95 -9.20 -16.21 9.47
CA PHE B 95 -8.12 -16.55 10.41
C PHE B 95 -7.95 -15.42 11.41
N THR B 96 -8.58 -15.59 12.58
CA THR B 96 -8.77 -14.51 13.55
C THR B 96 -7.57 -14.28 14.45
N THR B 97 -7.44 -13.04 14.89
CA THR B 97 -6.28 -12.58 15.63
C THR B 97 -6.57 -12.28 17.10
N LYS B 98 -5.56 -12.49 17.95
CA LYS B 98 -5.62 -12.06 19.34
C LYS B 98 -4.47 -11.11 19.66
N SER B 99 -4.73 -10.07 20.46
CA SER B 99 -3.68 -9.12 20.83
C SER B 99 -2.68 -9.74 21.81
N LEU B 100 -1.51 -9.12 21.97
CA LEU B 100 -0.48 -9.62 22.88
C LEU B 100 -0.95 -9.59 24.34
N VAL B 101 -1.75 -8.59 24.68
CA VAL B 101 -2.44 -8.55 25.97
C VAL B 101 -3.36 -9.76 26.19
N GLU B 102 -3.93 -10.27 25.11
CA GLU B 102 -4.94 -11.32 25.21
C GLU B 102 -4.38 -12.72 25.32
N ARG B 103 -3.11 -12.90 25.00
CA ARG B 103 -2.48 -14.17 25.35
C ARG B 103 -2.02 -14.12 26.78
N ALA B 104 -1.75 -12.90 27.28
CA ALA B 104 -1.38 -12.72 28.67
C ALA B 104 -2.60 -12.73 29.58
N GLU B 105 -3.81 -12.83 29.02
CA GLU B 105 -5.06 -12.78 29.80
C GLU B 105 -5.12 -13.69 31.05
N PRO B 106 -4.49 -14.88 31.02
CA PRO B 106 -4.41 -15.62 32.28
C PRO B 106 -3.40 -15.03 33.29
N VAL B 107 -2.85 -13.86 32.97
CA VAL B 107 -1.87 -13.20 33.82
C VAL B 107 -2.14 -11.66 33.91
N MET B 108 -3.20 -11.18 33.26
CA MET B 108 -3.57 -9.76 33.29
C MET B 108 -4.84 -9.51 34.13
N ARG B 109 -5.75 -8.72 33.53
CA ARG B 109 -7.08 -8.38 34.06
C ARG B 109 -7.23 -8.42 35.61
N SER B 122 -15.63 -0.99 14.45
CA SER B 122 -15.66 -1.86 15.61
C SER B 122 -14.39 -1.72 16.46
N ALA B 123 -13.60 -2.79 16.51
CA ALA B 123 -12.33 -2.79 17.25
C ALA B 123 -11.24 -2.00 16.51
N LYS B 124 -11.66 -1.08 15.64
CA LYS B 124 -10.74 -0.36 14.77
C LYS B 124 -10.41 1.04 15.29
N ARG B 125 -9.67 1.05 16.41
CA ARG B 125 -9.10 2.25 16.99
C ARG B 125 -7.64 2.20 16.56
N ARG B 126 -7.42 1.62 15.38
CA ARG B 126 -6.09 1.25 14.92
C ARG B 126 -4.96 2.29 14.94
N ILE B 127 -4.93 3.40 14.17
CA ILE B 127 -5.93 4.13 13.38
C ILE B 127 -5.68 5.51 13.96
N VAL B 128 -5.75 5.57 15.29
CA VAL B 128 -5.38 6.71 16.12
C VAL B 128 -4.02 6.40 16.69
N VAL B 129 -3.76 5.11 16.87
CA VAL B 129 -2.44 4.62 17.22
C VAL B 129 -1.53 4.86 16.00
N ARG B 130 -2.04 4.57 14.81
CA ARG B 130 -1.23 4.71 13.60
C ARG B 130 -0.92 6.17 13.38
N SER B 131 -1.89 7.03 13.66
CA SER B 131 -1.70 8.45 13.49
C SER B 131 -0.74 9.02 14.53
N PHE B 132 -0.74 8.46 15.74
CA PHE B 132 0.23 8.88 16.73
C PHE B 132 1.64 8.59 16.24
N ILE B 133 1.91 7.32 15.91
CA ILE B 133 3.21 6.89 15.39
C ILE B 133 3.68 7.69 14.17
N GLY B 134 2.76 8.03 13.29
CA GLY B 134 3.06 8.92 12.18
C GLY B 134 3.61 10.25 12.70
N ASP B 135 2.82 10.93 13.52
CA ASP B 135 3.14 12.27 14.05
C ASP B 135 4.26 12.25 15.09
N ALA B 136 4.38 11.13 15.79
CA ALA B 136 5.45 10.94 16.77
C ALA B 136 6.80 10.62 16.13
N LEU B 137 6.78 9.71 15.16
CA LEU B 137 7.94 9.26 14.36
C LEU B 137 8.90 10.39 13.99
N ASP B 138 8.35 11.54 13.62
CA ASP B 138 9.16 12.71 13.30
C ASP B 138 9.82 13.33 14.55
N HIS B 139 9.03 13.49 15.62
CA HIS B 139 9.46 14.27 16.81
C HIS B 139 10.38 13.55 17.83
N LEU B 140 10.48 12.23 17.72
CA LEU B 140 11.27 11.45 18.68
C LEU B 140 12.69 11.14 18.20
N SER B 141 12.97 11.43 16.94
CA SER B 141 14.29 11.13 16.36
C SER B 141 15.44 11.89 17.04
N PRO B 142 15.18 13.09 17.55
CA PRO B 142 16.19 13.64 18.41
C PRO B 142 16.42 12.79 19.68
N LEU B 143 15.38 12.11 20.16
CA LEU B 143 15.51 11.37 21.41
C LEU B 143 16.06 9.97 21.21
N ILE B 144 15.65 9.30 20.13
CA ILE B 144 16.14 7.95 19.85
C ILE B 144 17.63 8.06 19.71
N LYS B 145 18.05 9.08 18.96
CA LYS B 145 19.45 9.46 18.77
C LYS B 145 20.22 9.61 20.09
N GLN B 146 19.69 10.41 21.01
CA GLN B 146 20.33 10.59 22.31
C GLN B 146 20.37 9.31 23.13
N ASN B 147 19.26 8.56 23.13
CA ASN B 147 19.23 7.28 23.82
C ASN B 147 20.46 6.45 23.41
N ALA B 148 20.62 6.29 22.10
CA ALA B 148 21.76 5.59 21.53
C ALA B 148 23.05 6.14 22.11
N GLU B 149 23.29 7.44 21.95
CA GLU B 149 24.59 7.99 22.32
C GLU B 149 24.83 7.80 23.80
N ASN B 150 23.80 8.04 24.58
CA ASN B 150 23.92 7.97 26.01
C ASN B 150 24.15 6.55 26.47
N LEU B 151 23.58 5.58 25.78
CA LEU B 151 23.72 4.20 26.23
C LEU B 151 25.07 3.64 25.91
N LEU B 152 25.71 4.19 24.88
CA LEU B 152 26.98 3.71 24.36
C LEU B 152 28.13 4.34 25.08
N ALA B 153 27.84 5.39 25.85
CA ALA B 153 28.86 6.26 26.43
C ALA B 153 29.83 5.58 27.38
N PRO B 154 29.32 4.70 28.28
CA PRO B 154 30.24 4.04 29.20
C PRO B 154 31.18 3.08 28.48
N TYR B 155 30.77 2.55 27.33
CA TYR B 155 31.52 1.47 26.67
C TYR B 155 32.66 1.87 25.69
N LEU B 156 32.75 3.15 25.36
CA LEU B 156 33.70 3.60 24.36
C LEU B 156 35.17 3.55 24.76
N GLU B 157 35.49 3.78 26.03
CA GLU B 157 36.88 3.67 26.50
C GLU B 157 37.46 2.27 26.32
N ARG B 158 36.70 1.26 26.76
CA ARG B 158 37.08 -0.15 26.68
C ARG B 158 37.30 -0.65 25.25
N GLY B 159 36.48 -0.18 24.31
CA GLY B 159 36.50 -0.65 22.93
C GLY B 159 35.87 -2.01 22.79
N LYS B 160 35.07 -2.37 23.79
CA LYS B 160 34.42 -3.67 23.89
C LYS B 160 32.99 -3.48 24.39
N SER B 161 32.08 -4.34 23.92
CA SER B 161 30.64 -4.17 24.15
C SER B 161 29.87 -5.43 23.78
N ASP B 162 28.81 -5.74 24.53
CA ASP B 162 27.85 -6.77 24.17
C ASP B 162 26.55 -6.12 23.69
N LEU B 163 26.36 -6.06 22.39
CA LEU B 163 25.23 -5.29 21.84
C LEU B 163 23.85 -5.79 22.27
N VAL B 164 23.70 -7.08 22.58
CA VAL B 164 22.43 -7.59 23.08
C VAL B 164 22.23 -7.09 24.52
N ASN B 165 23.21 -7.40 25.38
CA ASN B 165 23.09 -7.28 26.82
C ASN B 165 23.51 -5.93 27.45
N ASP B 166 24.50 -5.28 26.86
CA ASP B 166 24.91 -3.98 27.34
C ASP B 166 24.10 -2.87 26.70
N PHE B 167 23.60 -3.08 25.49
CA PHE B 167 23.12 -1.95 24.71
C PHE B 167 21.69 -2.12 24.19
N GLY B 168 21.40 -3.29 23.66
CA GLY B 168 20.20 -3.50 22.86
C GLY B 168 18.88 -3.43 23.59
N LYS B 169 18.74 -4.19 24.68
CA LYS B 169 17.45 -4.30 25.34
C LYS B 169 17.12 -3.00 26.04
N THR B 170 18.15 -2.35 26.57
CA THR B 170 17.94 -1.10 27.26
C THR B 170 17.47 -0.06 26.26
N PHE B 171 18.08 -0.08 25.08
CA PHE B 171 17.82 0.97 24.09
C PHE B 171 16.39 0.91 23.61
N ALA B 172 15.96 -0.30 23.32
CA ALA B 172 14.62 -0.59 22.94
C ALA B 172 13.69 -0.04 24.00
N VAL B 173 13.81 -0.55 25.22
CA VAL B 173 13.02 -0.06 26.36
C VAL B 173 12.92 1.48 26.44
N CYS B 174 14.06 2.15 26.42
CA CYS B 174 14.06 3.61 26.41
C CYS B 174 13.25 4.24 25.28
N VAL B 175 13.38 3.73 24.05
CA VAL B 175 12.61 4.23 22.89
C VAL B 175 11.12 4.08 23.14
N THR B 176 10.71 2.90 23.63
CA THR B 176 9.31 2.64 23.99
C THR B 176 8.81 3.58 25.09
N MET B 177 9.63 3.74 26.13
CA MET B 177 9.29 4.65 27.21
C MET B 177 9.11 6.05 26.64
N ASP B 178 10.05 6.48 25.81
CA ASP B 178 9.98 7.76 25.13
C ASP B 178 8.63 7.93 24.47
N MET B 179 8.26 6.95 23.67
CA MET B 179 6.99 6.92 22.98
C MET B 179 5.84 7.10 23.96
N LEU B 180 5.95 6.51 25.15
CA LEU B 180 4.88 6.56 26.16
C LEU B 180 4.99 7.71 27.17
N GLY B 181 6.00 8.56 27.01
CA GLY B 181 6.23 9.70 27.93
C GLY B 181 6.63 9.31 29.34
N LEU B 182 7.05 8.06 29.53
CA LEU B 182 7.43 7.52 30.81
C LEU B 182 8.83 7.95 31.19
N ASP B 183 9.17 7.81 32.48
CA ASP B 183 10.47 8.32 32.99
C ASP B 183 11.62 7.32 32.76
N LYS B 184 12.64 7.74 32.01
CA LYS B 184 13.75 6.82 31.69
C LYS B 184 14.60 6.39 32.90
N ARG B 185 14.46 7.10 34.03
CA ARG B 185 15.02 6.63 35.32
C ARG B 185 14.74 5.15 35.58
N ASP B 186 13.56 4.69 35.14
CA ASP B 186 13.07 3.37 35.49
C ASP B 186 13.25 2.36 34.39
N HIS B 187 14.28 2.49 33.56
CA HIS B 187 14.42 1.54 32.43
C HIS B 187 14.55 0.10 32.93
N GLU B 188 15.27 -0.10 34.04
CA GLU B 188 15.47 -1.45 34.59
C GLU B 188 14.18 -2.15 34.94
N LYS B 189 13.37 -1.52 35.81
CA LYS B 189 12.08 -2.06 36.22
C LYS B 189 11.21 -2.42 35.02
N ILE B 190 10.92 -1.41 34.19
CA ILE B 190 10.12 -1.57 32.98
C ILE B 190 10.64 -2.69 32.10
N SER B 191 11.95 -2.91 32.10
CA SER B 191 12.51 -3.98 31.30
C SER B 191 12.32 -5.36 31.92
N GLU B 192 12.63 -5.48 33.23
CA GLU B 192 12.38 -6.72 33.98
C GLU B 192 10.92 -7.15 33.82
N TRP B 193 10.02 -6.17 33.90
CA TRP B 193 8.60 -6.47 33.81
C TRP B 193 8.24 -6.92 32.42
N HIS B 194 8.65 -6.17 31.42
CA HIS B 194 8.39 -6.58 30.05
C HIS B 194 8.88 -8.03 29.84
N SER B 195 10.03 -8.36 30.41
CA SER B 195 10.62 -9.67 30.21
C SER B 195 9.74 -10.77 30.78
N GLY B 196 9.12 -10.49 31.91
CA GLY B 196 8.32 -11.47 32.62
C GLY B 196 7.00 -11.77 31.96
N VAL B 197 6.33 -10.71 31.51
CA VAL B 197 5.08 -10.86 30.77
C VAL B 197 5.32 -11.60 29.45
N ALA B 198 6.30 -11.12 28.68
CA ALA B 198 6.64 -11.74 27.42
C ALA B 198 7.12 -13.17 27.62
N ASP B 199 7.86 -13.41 28.71
CA ASP B 199 8.26 -14.78 29.03
C ASP B 199 7.07 -15.72 29.02
N PHE B 200 5.92 -15.26 29.52
CA PHE B 200 4.72 -16.09 29.49
C PHE B 200 4.24 -16.35 28.06
N ILE B 201 4.07 -15.30 27.26
CA ILE B 201 3.53 -15.47 25.93
C ILE B 201 4.36 -16.43 25.09
N THR B 202 5.66 -16.17 24.98
CA THR B 202 6.57 -17.08 24.28
C THR B 202 6.45 -18.55 24.74
N SER B 203 6.59 -18.79 26.04
CA SER B 203 6.73 -20.14 26.63
C SER B 203 5.78 -21.22 26.15
N ILE B 204 6.31 -22.42 25.97
CA ILE B 204 5.44 -23.58 25.88
C ILE B 204 4.84 -23.80 27.26
N SER B 205 5.73 -24.02 28.22
CA SER B 205 5.35 -24.31 29.59
C SER B 205 6.22 -23.50 30.53
N GLN B 206 5.76 -23.35 31.77
CA GLN B 206 6.47 -22.58 32.80
C GLN B 206 6.52 -23.35 34.10
N SER B 207 7.64 -23.24 34.80
CA SER B 207 7.73 -23.70 36.18
C SER B 207 6.76 -22.83 36.97
N PRO B 208 6.17 -23.36 38.08
CA PRO B 208 5.24 -22.56 38.85
C PRO B 208 5.87 -21.26 39.24
N GLU B 209 7.18 -21.28 39.42
CA GLU B 209 7.95 -20.09 39.73
C GLU B 209 7.97 -19.06 38.60
N ALA B 210 8.27 -19.50 37.38
CA ALA B 210 8.35 -18.58 36.27
C ALA B 210 6.97 -17.96 36.07
N ARG B 211 5.91 -18.73 36.35
CA ARG B 211 4.55 -18.21 36.23
C ARG B 211 4.13 -17.25 37.35
N ALA B 212 4.54 -17.53 38.58
CA ALA B 212 4.33 -16.57 39.64
C ALA B 212 5.04 -15.28 39.31
N HIS B 213 6.14 -15.39 38.57
CA HIS B 213 6.95 -14.23 38.28
C HIS B 213 6.27 -13.32 37.27
N SER B 214 5.89 -13.88 36.12
CA SER B 214 5.16 -13.14 35.08
C SER B 214 3.91 -12.48 35.61
N LEU B 215 3.20 -13.21 36.47
CA LEU B 215 2.04 -12.67 37.13
C LEU B 215 2.46 -11.44 37.93
N TRP B 216 3.56 -11.55 38.67
CA TRP B 216 4.06 -10.41 39.45
C TRP B 216 4.40 -9.20 38.57
N CYS B 217 5.16 -9.44 37.50
CA CYS B 217 5.51 -8.42 36.53
C CYS B 217 4.32 -7.59 36.03
N SER B 218 3.26 -8.23 35.55
CA SER B 218 2.11 -7.49 35.00
C SER B 218 1.35 -6.76 36.07
N GLU B 219 1.09 -7.44 37.19
CA GLU B 219 0.71 -6.77 38.42
C GLU B 219 1.49 -5.44 38.53
N GLN B 220 2.83 -5.52 38.51
CA GLN B 220 3.69 -4.35 38.71
C GLN B 220 3.53 -3.25 37.66
N LEU B 221 3.56 -3.63 36.38
CA LEU B 221 3.33 -2.69 35.28
C LEU B 221 2.11 -1.79 35.47
N SER B 222 0.97 -2.41 35.74
CA SER B 222 -0.30 -1.68 35.79
C SER B 222 -0.58 -0.98 37.11
N GLN B 223 0.31 -1.14 38.09
CA GLN B 223 0.28 -0.29 39.27
C GLN B 223 1.30 0.81 39.12
N TYR B 224 2.21 0.66 38.15
CA TYR B 224 3.06 1.75 37.65
C TYR B 224 2.34 2.66 36.64
N LEU B 225 1.69 2.07 35.63
CA LEU B 225 1.04 2.82 34.55
C LEU B 225 -0.30 3.48 34.89
N MET B 226 -1.10 2.83 35.74
CA MET B 226 -2.44 3.33 36.09
C MET B 226 -2.46 4.74 36.68
N PRO B 227 -1.63 5.01 37.70
CA PRO B 227 -1.71 6.38 38.22
C PRO B 227 -1.30 7.41 37.16
N VAL B 228 -0.46 7.01 36.21
CA VAL B 228 -0.11 7.87 35.08
C VAL B 228 -1.32 8.13 34.19
N ILE B 229 -1.93 7.07 33.68
CA ILE B 229 -3.12 7.24 32.84
C ILE B 229 -4.10 8.24 33.45
N LYS B 230 -4.20 8.25 34.79
CA LYS B 230 -5.07 9.18 35.51
C LYS B 230 -4.52 10.60 35.50
N GLU B 231 -3.22 10.72 35.74
CA GLU B 231 -2.52 12.01 35.76
C GLU B 231 -2.74 12.74 34.44
N ARG B 232 -2.61 12.00 33.35
CA ARG B 232 -2.69 12.57 32.02
C ARG B 232 -4.11 12.72 31.50
N ARG B 233 -5.07 12.05 32.12
CA ARG B 233 -6.47 12.24 31.73
C ARG B 233 -6.91 13.69 31.94
N VAL B 234 -6.19 14.43 32.77
CA VAL B 234 -6.57 15.82 33.06
C VAL B 234 -5.50 16.88 32.69
N ASN B 235 -4.23 16.48 32.72
CA ASN B 235 -3.14 17.35 32.27
C ASN B 235 -2.39 16.71 31.15
N PRO B 236 -2.96 16.71 29.95
CA PRO B 236 -2.40 15.93 28.86
C PRO B 236 -1.05 16.46 28.39
N GLY B 237 -0.24 15.56 27.83
CA GLY B 237 1.04 15.93 27.26
C GLY B 237 0.96 15.73 25.77
N SER B 238 2.03 15.20 25.18
CA SER B 238 2.11 15.02 23.73
C SER B 238 2.21 13.55 23.36
N ASP B 239 2.45 12.73 24.36
CA ASP B 239 2.74 11.29 24.24
C ASP B 239 1.48 10.42 24.00
N LEU B 240 1.70 9.11 23.88
CA LEU B 240 0.65 8.19 23.48
C LEU B 240 -0.42 8.06 24.56
N ILE B 241 0.03 8.09 25.81
CA ILE B 241 -0.88 7.95 26.92
C ILE B 241 -1.76 9.18 26.94
N SER B 242 -1.18 10.36 26.84
CA SER B 242 -2.01 11.57 26.76
C SER B 242 -2.94 11.60 25.55
N ILE B 243 -2.48 11.09 24.42
CA ILE B 243 -3.28 11.08 23.20
C ILE B 243 -4.54 10.21 23.31
N LEU B 244 -4.41 9.00 23.82
CA LEU B 244 -5.59 8.15 24.00
C LEU B 244 -6.53 8.66 25.06
N CYS B 245 -5.98 9.46 25.97
CA CYS B 245 -6.77 10.07 27.01
C CYS B 245 -7.72 10.96 26.23
N THR B 246 -7.17 11.97 25.55
CA THR B 246 -7.98 12.94 24.84
C THR B 246 -8.58 12.75 23.47
N SER B 247 -7.79 12.18 22.57
CA SER B 247 -8.11 12.13 21.15
C SER B 247 -9.07 11.00 20.82
N GLU B 248 -10.29 11.17 21.31
CA GLU B 248 -11.35 10.24 21.06
C GLU B 248 -12.15 10.83 19.89
N TYR B 249 -13.03 11.77 20.20
CA TYR B 249 -13.64 12.68 19.21
C TYR B 249 -14.68 11.99 18.28
N GLU B 250 -14.30 10.90 17.61
CA GLU B 250 -15.25 10.13 16.79
C GLU B 250 -15.87 8.95 17.54
N GLY B 251 -16.80 9.30 18.44
CA GLY B 251 -17.53 8.37 19.29
C GLY B 251 -16.66 7.36 20.00
N MET B 252 -15.47 7.79 20.42
CA MET B 252 -14.45 6.87 20.90
C MET B 252 -14.68 6.70 22.41
N ALA B 253 -14.33 7.74 23.19
CA ALA B 253 -14.50 7.78 24.67
C ALA B 253 -13.94 6.60 25.52
N LEU B 254 -12.69 6.23 25.25
CA LEU B 254 -12.02 5.10 25.91
C LEU B 254 -11.95 5.13 27.44
N SER B 255 -12.19 3.98 28.05
CA SER B 255 -12.14 3.81 29.50
C SER B 255 -10.70 3.80 29.99
N ASP B 256 -10.52 4.04 31.29
CA ASP B 256 -9.21 3.92 31.92
C ASP B 256 -8.58 2.55 31.60
N LYS B 257 -9.31 1.47 31.86
CA LYS B 257 -8.81 0.11 31.62
C LYS B 257 -8.53 -0.14 30.13
N ASP B 258 -9.43 0.33 29.27
CA ASP B 258 -9.26 0.22 27.82
C ASP B 258 -7.86 0.69 27.46
N ILE B 259 -7.54 1.92 27.88
CA ILE B 259 -6.25 2.57 27.64
C ILE B 259 -5.07 1.75 28.14
N LEU B 260 -5.20 1.19 29.33
CA LEU B 260 -4.13 0.36 29.91
C LEU B 260 -3.80 -0.86 29.04
N ALA B 261 -4.85 -1.55 28.57
CA ALA B 261 -4.71 -2.59 27.58
C ALA B 261 -3.87 -2.15 26.36
N LEU B 262 -4.20 -0.99 25.77
CA LEU B 262 -3.53 -0.54 24.55
C LEU B 262 -2.05 -0.21 24.72
N ILE B 263 -1.75 0.58 25.76
CA ILE B 263 -0.38 0.87 26.20
C ILE B 263 0.44 -0.38 26.51
N LEU B 264 -0.14 -1.35 27.20
CA LEU B 264 0.57 -2.59 27.49
C LEU B 264 0.89 -3.35 26.22
N ASN B 265 -0.06 -3.35 25.28
CA ASN B 265 0.15 -3.91 23.95
C ASN B 265 1.29 -3.28 23.17
N VAL B 266 1.23 -1.97 23.04
CA VAL B 266 2.27 -1.25 22.36
C VAL B 266 3.61 -1.41 23.07
N LEU B 267 3.58 -1.57 24.38
CA LEU B 267 4.80 -1.76 25.15
C LEU B 267 5.46 -3.10 24.83
N LEU B 268 4.63 -4.14 24.70
CA LEU B 268 5.18 -5.46 24.43
C LEU B 268 5.72 -5.45 23.01
N ALA B 269 4.91 -4.89 22.10
CA ALA B 269 5.20 -5.00 20.70
C ALA B 269 6.41 -4.17 20.34
N ALA B 270 6.44 -2.90 20.75
CA ALA B 270 7.52 -2.06 20.29
C ALA B 270 8.87 -2.53 20.81
N THR B 271 8.86 -3.34 21.85
CA THR B 271 10.13 -3.62 22.49
C THR B 271 10.80 -4.90 22.02
N GLU B 272 10.07 -6.01 22.13
CA GLU B 272 10.57 -7.36 21.84
C GLU B 272 11.44 -7.45 20.59
N PRO B 273 10.93 -7.02 19.42
CA PRO B 273 11.68 -7.31 18.23
C PRO B 273 12.84 -6.35 17.95
N ALA B 274 12.72 -5.07 18.31
CA ALA B 274 13.73 -4.06 17.89
C ALA B 274 15.20 -4.44 18.22
N ASP B 275 15.54 -4.50 19.52
CA ASP B 275 16.89 -4.86 19.95
C ASP B 275 17.39 -6.05 19.18
N LYS B 276 16.54 -7.07 19.08
CA LYS B 276 16.87 -8.27 18.36
C LYS B 276 17.36 -7.97 16.94
N THR B 277 16.62 -7.16 16.20
CA THR B 277 16.98 -6.84 14.82
C THR B 277 18.34 -6.19 14.77
N LEU B 278 18.59 -5.28 15.70
CA LEU B 278 19.84 -4.56 15.70
C LEU B 278 21.01 -5.53 15.73
N ALA B 279 21.00 -6.40 16.74
CA ALA B 279 22.04 -7.40 16.89
C ALA B 279 22.22 -8.18 15.58
N LEU B 280 21.09 -8.68 15.08
CA LEU B 280 21.03 -9.56 13.94
C LEU B 280 21.69 -8.94 12.69
N MET B 281 21.35 -7.69 12.43
CA MET B 281 21.89 -7.00 11.27
C MET B 281 23.42 -6.97 11.34
N ILE B 282 23.91 -6.45 12.47
CA ILE B 282 25.32 -6.27 12.67
C ILE B 282 26.09 -7.58 12.63
N TYR B 283 25.52 -8.66 13.17
CA TYR B 283 26.21 -9.93 13.08
C TYR B 283 26.34 -10.29 11.64
N HIS B 284 25.21 -10.40 10.96
CA HIS B 284 25.19 -10.82 9.58
C HIS B 284 25.95 -9.88 8.64
N LEU B 285 26.04 -8.59 8.98
CA LEU B 285 26.87 -7.70 8.19
C LEU B 285 28.35 -8.00 8.41
N LEU B 286 28.70 -8.41 9.63
CA LEU B 286 30.09 -8.68 9.98
C LEU B 286 30.53 -10.05 9.45
N ASN B 287 29.59 -10.98 9.43
CA ASN B 287 29.81 -12.31 8.87
C ASN B 287 29.99 -12.28 7.36
N ASN B 288 29.73 -11.12 6.75
CA ASN B 288 29.88 -10.93 5.32
C ASN B 288 30.62 -9.64 5.05
N PRO B 289 31.93 -9.62 5.37
CA PRO B 289 32.76 -8.41 5.50
C PRO B 289 32.56 -7.46 4.33
N GLU B 290 32.46 -8.03 3.14
CA GLU B 290 32.27 -7.25 1.93
C GLU B 290 31.08 -6.31 2.11
N GLN B 291 29.97 -6.93 2.50
CA GLN B 291 28.70 -6.28 2.51
C GLN B 291 28.72 -5.15 3.51
N MET B 292 29.29 -5.43 4.69
CA MET B 292 29.59 -4.41 5.69
C MET B 292 30.24 -3.18 5.06
N ASN B 293 31.41 -3.38 4.47
CA ASN B 293 32.15 -2.32 3.80
C ASN B 293 31.26 -1.55 2.84
N ASP B 294 30.43 -2.27 2.10
CA ASP B 294 29.50 -1.67 1.19
C ASP B 294 28.60 -0.67 1.93
N VAL B 295 28.08 -1.07 3.09
CA VAL B 295 27.27 -0.18 3.94
C VAL B 295 28.08 0.95 4.54
N LEU B 296 29.30 0.68 4.97
CA LEU B 296 30.06 1.69 5.69
C LEU B 296 30.38 2.89 4.84
N ALA B 297 30.60 2.66 3.55
CA ALA B 297 31.07 3.70 2.62
C ALA B 297 29.93 4.49 1.99
N ASP B 298 28.70 4.02 2.22
CA ASP B 298 27.46 4.61 1.66
C ASP B 298 26.41 4.12 2.64
N ARG B 299 25.63 5.06 3.17
CA ARG B 299 24.74 4.80 4.31
C ARG B 299 23.30 4.58 3.83
N SER B 300 22.91 5.17 2.71
CA SER B 300 21.56 4.95 2.18
C SER B 300 21.26 3.46 2.00
N LEU B 301 22.29 2.63 2.12
CA LEU B 301 22.15 1.21 2.06
C LEU B 301 21.64 0.62 3.37
N VAL B 302 21.59 1.43 4.43
CA VAL B 302 21.14 0.92 5.73
C VAL B 302 19.76 0.29 5.65
N PRO B 303 18.78 0.99 5.08
CA PRO B 303 17.47 0.33 4.91
C PRO B 303 17.55 -1.09 4.33
N ARG B 304 18.24 -1.26 3.21
CA ARG B 304 18.31 -2.58 2.53
C ARG B 304 18.85 -3.65 3.47
N ALA B 305 19.78 -3.23 4.34
CA ALA B 305 20.34 -4.14 5.32
C ALA B 305 19.36 -4.45 6.49
N ILE B 306 18.40 -3.57 6.70
CA ILE B 306 17.39 -3.84 7.72
C ILE B 306 16.42 -4.86 7.13
N ALA B 307 16.09 -4.68 5.87
CA ALA B 307 15.12 -5.54 5.24
C ALA B 307 15.67 -6.94 5.04
N GLU B 308 16.87 -7.07 4.49
CA GLU B 308 17.40 -8.41 4.21
C GLU B 308 17.65 -9.21 5.51
N THR B 309 18.10 -8.53 6.56
CA THR B 309 18.09 -9.11 7.93
C THR B 309 16.69 -9.62 8.35
N LEU B 310 15.69 -8.77 8.21
CA LEU B 310 14.31 -9.13 8.51
C LEU B 310 13.83 -10.32 7.71
N ARG B 311 14.21 -10.42 6.44
CA ARG B 311 13.84 -11.59 5.66
C ARG B 311 14.58 -12.78 6.21
N TYR B 312 15.89 -12.61 6.39
CA TYR B 312 16.80 -13.73 6.72
C TYR B 312 16.53 -14.36 8.06
N LYS B 313 16.40 -13.50 9.06
CA LYS B 313 16.30 -13.94 10.44
C LYS B 313 15.20 -13.16 11.15
N PRO B 314 13.93 -13.31 10.71
CA PRO B 314 12.90 -12.50 11.37
C PRO B 314 12.93 -12.67 12.90
N PRO B 315 12.73 -11.59 13.65
CA PRO B 315 12.62 -11.62 15.10
C PRO B 315 11.39 -12.39 15.59
N VAL B 316 10.23 -12.07 15.05
CA VAL B 316 9.00 -12.78 15.39
C VAL B 316 8.89 -13.96 14.45
N GLN B 317 9.07 -15.16 14.99
CA GLN B 317 9.14 -16.38 14.20
C GLN B 317 7.78 -17.03 13.94
N LEU B 318 6.82 -16.74 14.83
CA LEU B 318 5.50 -17.34 14.72
C LEU B 318 4.42 -16.30 14.85
N ILE B 319 3.36 -16.46 14.08
CA ILE B 319 2.17 -15.64 14.24
C ILE B 319 0.99 -16.59 14.34
N PRO B 320 0.45 -16.75 15.55
CA PRO B 320 -0.72 -17.62 15.72
C PRO B 320 -1.95 -17.00 15.08
N ARG B 321 -2.94 -17.81 14.74
CA ARG B 321 -4.25 -17.32 14.41
C ARG B 321 -5.22 -18.43 14.76
N GLN B 322 -6.46 -18.07 15.07
CA GLN B 322 -7.49 -19.06 15.42
C GLN B 322 -8.55 -19.09 14.31
N LEU B 323 -8.95 -20.29 13.88
CA LEU B 323 -9.92 -20.43 12.79
C LEU B 323 -11.30 -20.09 13.26
N SER B 324 -12.03 -19.37 12.41
CA SER B 324 -13.36 -18.95 12.77
C SER B 324 -14.37 -19.93 12.20
N GLN B 325 -13.97 -20.64 11.14
CA GLN B 325 -14.86 -21.57 10.42
C GLN B 325 -14.08 -22.79 9.94
N ASP B 326 -14.78 -23.77 9.38
CA ASP B 326 -14.12 -24.91 8.74
C ASP B 326 -13.48 -24.45 7.46
N THR B 327 -12.20 -24.75 7.28
CA THR B 327 -11.52 -24.28 6.08
C THR B 327 -10.29 -25.11 5.69
N VAL B 328 -9.86 -24.96 4.43
CA VAL B 328 -8.76 -25.74 3.84
C VAL B 328 -7.48 -24.90 3.70
N VAL B 329 -6.33 -25.54 3.85
CA VAL B 329 -5.04 -24.86 3.82
C VAL B 329 -3.99 -25.86 3.34
N GLY B 330 -3.12 -25.42 2.43
CA GLY B 330 -2.09 -26.30 1.87
C GLY B 330 -2.81 -27.43 1.19
N GLY B 331 -2.96 -28.55 1.91
CA GLY B 331 -3.78 -29.66 1.44
C GLY B 331 -4.83 -30.17 2.43
N MET B 332 -4.68 -29.77 3.70
CA MET B 332 -5.49 -30.31 4.79
C MET B 332 -6.78 -29.54 5.12
N GLU B 333 -7.85 -30.30 5.34
CA GLU B 333 -9.07 -29.79 5.97
C GLU B 333 -8.69 -29.43 7.40
N ILE B 334 -9.04 -28.22 7.83
CA ILE B 334 -8.80 -27.82 9.21
C ILE B 334 -10.07 -27.26 9.85
N LYS B 335 -10.40 -27.78 11.03
CA LYS B 335 -11.72 -27.56 11.64
C LYS B 335 -11.85 -26.24 12.39
N LYS B 336 -13.09 -25.84 12.61
CA LYS B 336 -13.42 -24.62 13.34
C LYS B 336 -12.74 -24.59 14.71
N ASP B 337 -12.16 -23.43 15.03
CA ASP B 337 -11.62 -23.09 16.36
C ASP B 337 -10.24 -23.62 16.75
N THR B 338 -9.64 -24.45 15.90
CA THR B 338 -8.24 -24.89 16.07
C THR B 338 -7.29 -23.71 15.80
N ILE B 339 -6.07 -23.79 16.34
CA ILE B 339 -5.08 -22.72 16.11
C ILE B 339 -3.95 -23.14 15.17
N VAL B 340 -3.46 -22.18 14.39
CA VAL B 340 -2.40 -22.44 13.42
C VAL B 340 -1.25 -21.44 13.62
N PHE B 341 -0.01 -21.89 13.46
CA PHE B 341 1.12 -20.98 13.62
C PHE B 341 1.79 -20.66 12.30
N CYS B 342 1.95 -19.38 11.99
CA CYS B 342 2.61 -19.01 10.75
C CYS B 342 4.13 -18.99 10.92
N MET B 343 4.80 -20.00 10.35
CA MET B 343 6.27 -20.07 10.43
C MET B 343 6.93 -19.05 9.49
N ILE B 344 7.16 -17.87 10.02
CA ILE B 344 7.68 -16.78 9.23
C ILE B 344 9.09 -17.04 8.72
N GLY B 345 9.93 -17.60 9.56
CA GLY B 345 11.25 -18.05 9.12
C GLY B 345 11.13 -18.97 7.92
N ALA B 346 10.19 -19.90 7.97
CA ALA B 346 10.06 -20.90 6.90
C ALA B 346 9.67 -20.22 5.62
N ALA B 347 8.70 -19.31 5.74
CA ALA B 347 8.14 -18.58 4.63
C ALA B 347 9.21 -17.73 3.95
N ASN B 348 10.04 -17.08 4.76
CA ASN B 348 11.03 -16.15 4.23
C ASN B 348 12.21 -16.79 3.52
N ARG B 349 12.33 -18.11 3.67
CA ARG B 349 13.38 -18.89 3.05
C ARG B 349 12.81 -19.78 1.95
N ASP B 350 11.58 -19.47 1.52
CA ASP B 350 10.88 -20.30 0.56
C ASP B 350 11.36 -19.95 -0.83
N PRO B 351 11.91 -20.92 -1.57
CA PRO B 351 12.34 -20.66 -2.94
C PRO B 351 11.26 -20.01 -3.82
N GLU B 352 10.00 -20.42 -3.64
CA GLU B 352 8.86 -19.88 -4.42
C GLU B 352 8.74 -18.35 -4.31
N ALA B 353 9.46 -17.76 -3.34
CA ALA B 353 9.43 -16.31 -3.08
C ALA B 353 10.77 -15.57 -3.24
N PHE B 354 11.87 -16.22 -2.87
CA PHE B 354 13.17 -15.59 -2.96
C PHE B 354 14.18 -16.52 -3.57
N GLU B 355 14.74 -16.10 -4.71
CA GLU B 355 15.86 -16.78 -5.33
C GLU B 355 17.01 -16.81 -4.33
N GLN B 356 17.80 -17.89 -4.35
CA GLN B 356 18.96 -18.03 -3.47
C GLN B 356 18.63 -17.68 -2.01
N PRO B 357 17.63 -18.36 -1.44
CA PRO B 357 16.99 -17.88 -0.23
C PRO B 357 17.87 -17.95 1.03
N ASP B 358 18.74 -18.94 1.13
CA ASP B 358 19.56 -19.10 2.31
C ASP B 358 20.87 -18.33 2.22
N VAL B 359 20.92 -17.35 1.33
CA VAL B 359 22.06 -16.48 1.20
C VAL B 359 21.65 -15.12 1.76
N PHE B 360 22.48 -14.59 2.65
CA PHE B 360 22.29 -13.24 3.12
C PHE B 360 22.98 -12.35 2.11
N ASN B 361 22.20 -11.44 1.57
CA ASN B 361 22.63 -10.60 0.46
C ASN B 361 21.79 -9.36 0.63
N ILE B 362 22.43 -8.21 0.81
CA ILE B 362 21.68 -6.98 1.02
C ILE B 362 21.31 -6.46 -0.39
N HIS B 363 22.09 -6.87 -1.38
CA HIS B 363 21.91 -6.37 -2.72
C HIS B 363 20.91 -7.15 -3.57
N ARG B 364 20.21 -8.12 -2.98
CA ARG B 364 19.32 -9.00 -3.77
C ARG B 364 18.25 -8.22 -4.53
N GLU B 365 18.07 -8.59 -5.80
CA GLU B 365 17.14 -7.86 -6.65
C GLU B 365 15.68 -8.19 -6.32
N ASP B 366 15.47 -9.32 -5.66
CA ASP B 366 14.12 -9.71 -5.36
C ASP B 366 13.75 -9.31 -3.93
N LEU B 367 14.49 -8.36 -3.36
CA LEU B 367 14.23 -7.94 -1.98
C LEU B 367 12.97 -7.13 -1.86
N GLY B 368 12.57 -6.47 -2.94
CA GLY B 368 11.38 -5.63 -2.94
C GLY B 368 11.55 -4.50 -1.96
N ILE B 369 12.74 -3.91 -1.96
CA ILE B 369 13.11 -2.79 -1.10
C ILE B 369 12.07 -1.67 -1.09
N LYS B 370 11.57 -1.31 -2.26
CA LYS B 370 10.60 -0.24 -2.44
C LYS B 370 9.32 -0.39 -1.61
N SER B 371 9.00 -1.60 -1.17
CA SER B 371 7.81 -1.82 -0.33
C SER B 371 8.10 -2.53 1.01
N ALA B 372 9.38 -2.68 1.31
CA ALA B 372 9.83 -3.56 2.38
C ALA B 372 9.39 -3.14 3.77
N PHE B 373 8.83 -1.94 3.88
CA PHE B 373 8.32 -1.44 5.14
C PHE B 373 6.92 -0.93 4.87
N SER B 374 6.05 -1.85 4.46
CA SER B 374 4.66 -1.53 4.09
C SER B 374 3.78 -2.79 4.11
N GLY B 375 2.47 -2.59 4.06
CA GLY B 375 1.50 -3.69 4.07
C GLY B 375 1.90 -4.70 3.02
N ALA B 376 2.43 -4.14 1.95
CA ALA B 376 2.81 -4.82 0.74
C ALA B 376 4.23 -5.44 0.76
N ALA B 377 4.91 -5.42 1.90
CA ALA B 377 6.29 -5.95 1.98
C ALA B 377 6.42 -7.40 1.49
N ARG B 378 7.53 -7.65 0.78
CA ARG B 378 7.87 -8.96 0.19
C ARG B 378 8.09 -10.07 1.22
N HIS B 379 8.96 -9.76 2.17
CA HIS B 379 9.21 -10.62 3.32
C HIS B 379 8.05 -10.43 4.28
N LEU B 380 7.92 -11.33 5.24
CA LEU B 380 6.76 -11.34 6.14
C LEU B 380 7.07 -10.99 7.62
N ALA B 381 8.19 -10.32 7.85
CA ALA B 381 8.67 -10.06 9.19
C ALA B 381 7.81 -9.09 10.02
N PHE B 382 7.01 -8.29 9.32
CA PHE B 382 6.04 -7.39 9.95
C PHE B 382 4.62 -7.93 9.76
N GLY B 383 4.51 -9.19 9.36
CA GLY B 383 3.25 -9.75 8.83
C GLY B 383 2.95 -9.27 7.41
N SER B 384 1.68 -9.24 7.04
CA SER B 384 1.30 -8.81 5.69
C SER B 384 -0.08 -8.15 5.55
N GLY B 385 -0.07 -7.02 4.84
CA GLY B 385 -1.27 -6.32 4.42
C GLY B 385 -1.98 -5.39 5.40
N ILE B 386 -3.27 -5.66 5.53
CA ILE B 386 -4.23 -4.85 6.26
C ILE B 386 -4.02 -4.89 7.77
N HIS B 387 -3.58 -6.04 8.29
CA HIS B 387 -3.32 -6.18 9.72
C HIS B 387 -1.82 -6.34 10.01
N ASN B 388 -0.97 -5.63 9.29
CA ASN B 388 0.45 -5.71 9.63
C ASN B 388 0.90 -4.79 10.78
N CYS B 389 2.12 -5.03 11.28
CA CYS B 389 2.68 -4.20 12.33
C CYS B 389 2.46 -2.72 12.08
N VAL B 390 1.78 -2.09 13.04
CA VAL B 390 1.38 -0.71 12.98
C VAL B 390 2.60 0.18 13.05
N GLY B 391 3.69 -0.37 13.58
CA GLY B 391 4.86 0.44 13.86
C GLY B 391 5.93 0.26 12.82
N THR B 392 5.56 -0.34 11.69
CA THR B 392 6.52 -0.71 10.66
C THR B 392 7.43 0.44 10.23
N ALA B 393 6.87 1.62 10.00
CA ALA B 393 7.70 2.71 9.53
C ALA B 393 8.58 3.21 10.67
N PHE B 394 7.94 3.40 11.83
CA PHE B 394 8.62 3.81 13.05
C PHE B 394 9.79 2.89 13.33
N ALA B 395 9.58 1.58 13.14
CA ALA B 395 10.64 0.63 13.32
C ALA B 395 11.82 0.82 12.34
N LYS B 396 11.55 1.25 11.10
CA LYS B 396 12.63 1.47 10.16
C LYS B 396 13.48 2.66 10.63
N ASN B 397 12.83 3.79 10.87
CA ASN B 397 13.53 4.95 11.41
C ASN B 397 14.36 4.62 12.66
N GLU B 398 13.72 3.97 13.64
CA GLU B 398 14.35 3.62 14.90
C GLU B 398 15.62 2.81 14.68
N ILE B 399 15.49 1.69 13.98
CA ILE B 399 16.63 0.83 13.77
C ILE B 399 17.65 1.54 12.89
N GLU B 400 17.18 2.30 11.92
CA GLU B 400 18.11 3.00 11.04
C GLU B 400 18.99 3.95 11.84
N ILE B 401 18.38 4.85 12.61
CA ILE B 401 19.15 5.79 13.43
C ILE B 401 20.26 5.10 14.25
N VAL B 402 19.88 4.14 15.12
CA VAL B 402 20.86 3.44 15.98
C VAL B 402 22.00 2.94 15.14
N ALA B 403 21.65 2.09 14.17
CA ALA B 403 22.60 1.48 13.28
C ALA B 403 23.66 2.45 12.79
N ASN B 404 23.26 3.65 12.35
CA ASN B 404 24.24 4.61 11.88
C ASN B 404 25.17 5.05 13.01
N ILE B 405 24.59 5.19 14.21
CA ILE B 405 25.32 5.71 15.39
C ILE B 405 26.22 4.65 15.99
N VAL B 406 25.79 3.40 15.90
CA VAL B 406 26.66 2.29 16.23
C VAL B 406 27.84 2.29 15.28
N LEU B 407 27.57 2.37 13.98
CA LEU B 407 28.63 2.34 12.96
C LEU B 407 29.54 3.53 13.08
N ASP B 408 28.93 4.68 13.36
CA ASP B 408 29.66 5.95 13.58
C ASP B 408 30.66 5.89 14.73
N LYS B 409 30.26 5.23 15.81
CA LYS B 409 31.01 5.29 17.05
C LYS B 409 31.88 4.08 17.36
N MET B 410 31.53 2.92 16.86
CA MET B 410 32.41 1.77 17.04
C MET B 410 33.25 1.69 15.76
N ARG B 411 34.17 2.64 15.59
CA ARG B 411 35.07 2.71 14.43
C ARG B 411 35.89 1.42 14.43
N ASN B 412 35.99 0.79 13.25
CA ASN B 412 36.69 -0.50 13.06
C ASN B 412 36.12 -1.70 13.82
N ILE B 413 34.80 -1.89 13.72
CA ILE B 413 34.13 -2.92 14.50
C ILE B 413 34.41 -4.35 13.99
N ARG B 414 34.43 -5.32 14.91
CA ARG B 414 34.85 -6.68 14.62
C ARG B 414 34.15 -7.68 15.55
N LEU B 415 34.08 -8.94 15.15
CA LEU B 415 33.62 -9.98 16.07
C LEU B 415 34.72 -10.34 17.04
N GLU B 416 34.41 -10.13 18.31
CA GLU B 416 35.33 -10.33 19.43
C GLU B 416 35.91 -11.74 19.36
N GLU B 417 37.21 -11.86 19.58
CA GLU B 417 37.95 -13.11 19.40
C GLU B 417 37.21 -14.27 20.05
N ASP B 418 37.21 -15.42 19.39
CA ASP B 418 36.66 -16.66 19.99
C ASP B 418 35.18 -16.57 20.39
N PHE B 419 34.50 -15.55 19.88
CA PHE B 419 33.07 -15.37 20.13
C PHE B 419 32.25 -16.47 19.46
N CYS B 420 31.42 -17.12 20.27
CA CYS B 420 30.60 -18.21 19.80
C CYS B 420 29.16 -17.75 19.62
N TYR B 421 28.76 -17.53 18.37
CA TYR B 421 27.39 -17.11 18.06
C TYR B 421 26.35 -18.20 18.37
N ALA B 422 25.30 -17.80 19.08
CA ALA B 422 24.14 -18.65 19.36
C ALA B 422 22.86 -17.83 19.25
N GLU B 423 21.74 -18.50 18.98
CA GLU B 423 20.44 -17.85 18.95
C GLU B 423 19.51 -18.69 19.75
N SER B 424 18.53 -18.02 20.36
CA SER B 424 17.68 -18.63 21.34
C SER B 424 16.25 -18.13 21.18
N GLY B 425 15.31 -19.05 21.28
CA GLY B 425 13.92 -18.65 21.29
C GLY B 425 13.16 -19.25 20.13
N LEU B 426 11.93 -19.64 20.42
CA LEU B 426 11.10 -20.36 19.46
C LEU B 426 9.96 -19.50 18.87
N TYR B 427 9.43 -18.59 19.68
CA TYR B 427 8.27 -17.81 19.31
C TYR B 427 8.72 -16.42 18.84
N THR B 428 9.69 -15.84 19.54
CA THR B 428 10.53 -14.75 18.99
C THR B 428 11.98 -15.15 19.17
N ARG B 429 12.81 -14.91 18.17
CA ARG B 429 14.16 -15.44 18.14
C ARG B 429 15.23 -14.33 18.01
N GLY B 430 16.33 -14.48 18.73
CA GLY B 430 17.41 -13.53 18.68
C GLY B 430 18.73 -14.09 19.18
N PRO B 431 19.83 -13.37 18.89
CA PRO B 431 21.14 -13.74 19.41
C PRO B 431 21.10 -13.72 20.92
N VAL B 432 21.67 -14.73 21.56
CA VAL B 432 21.87 -14.76 23.01
C VAL B 432 22.77 -13.60 23.42
N SER B 433 23.81 -13.34 22.62
CA SER B 433 24.65 -12.16 22.80
C SER B 433 25.41 -11.84 21.52
N LEU B 434 25.96 -10.63 21.46
CA LEU B 434 26.81 -10.21 20.34
C LEU B 434 27.99 -9.38 20.82
N LEU B 435 29.14 -10.03 20.96
CA LEU B 435 30.35 -9.41 21.54
C LEU B 435 31.24 -8.82 20.45
N VAL B 436 31.52 -7.53 20.56
CA VAL B 436 32.27 -6.84 19.53
C VAL B 436 33.45 -6.05 20.06
N ALA B 437 34.54 -6.00 19.27
CA ALA B 437 35.66 -5.11 19.56
C ALA B 437 35.71 -3.95 18.54
N PHE B 438 36.23 -2.81 18.99
CA PHE B 438 36.33 -1.62 18.16
C PHE B 438 37.29 -0.63 18.78
N ASP B 439 37.91 0.19 17.95
CA ASP B 439 38.87 1.20 18.41
C ASP B 439 38.16 2.14 19.39
N GLY B 440 38.82 2.40 20.52
CA GLY B 440 38.29 3.29 21.55
C GLY B 440 39.38 4.06 22.24
#